data_2X60
#
_entry.id   2X60
#
_cell.length_a   65.926
_cell.length_b   79.567
_cell.length_c   70.952
_cell.angle_alpha   90.00
_cell.angle_beta   107.75
_cell.angle_gamma   90.00
#
_symmetry.space_group_name_H-M   'P 1 21 1'
#
loop_
_entity.id
_entity.type
_entity.pdbx_description
1 polymer 'MANNOSE-1-PHOSPHATE GUANYLYLTRANSFERASE'
2 non-polymer "GUANOSINE-5'-TRIPHOSPHATE"
3 non-polymer 'MAGNESIUM ION'
4 water water
#
_entity_poly.entity_id   1
_entity_poly.type   'polypeptide(L)'
_entity_poly.pdbx_seq_one_letter_code
;VMKALILAGGSGERFWPLSTPETPKQFLKLFGNKSLMRWTFERVLEEMDPKDVIVVTHKDYVERTKKELPELPDENIIAE
PMKKNTAPACFIGTKLADDDEPVLVLPADHRIPDTKKFWKTVKKALDALEKYDGLFTFGIVPTRPETGYGYIEIGEELEE
GVHKVAQFREKPDLETAKKFVESGRFLWNSGMFLWKAREFIEEVKVCEPSIYENLKDVDPRNFEELKKAYEKVPSISVDY
AVMEKSKKVRVVKADFEWSDLGNWSSVREIEGYTEESDEVILVDSDRVFVKTHNKPIAVVGLSDVIVIDTPNGILICKEE
YAQKVREVVKKLFRTS
;
_entity_poly.pdbx_strand_id   A,B
#
# COMPACT_ATOMS: atom_id res chain seq x y z
N VAL A 1 34.34 -27.95 27.65
CA VAL A 1 33.12 -27.11 27.86
C VAL A 1 32.72 -26.53 26.51
N MET A 2 31.44 -26.23 26.32
CA MET A 2 31.00 -25.71 25.03
C MET A 2 30.61 -24.26 25.16
N LYS A 3 30.94 -23.46 24.14
CA LYS A 3 30.53 -22.06 24.13
C LYS A 3 29.47 -21.80 23.09
N ALA A 4 28.65 -20.77 23.36
CA ALA A 4 27.61 -20.33 22.43
C ALA A 4 28.00 -18.94 21.92
N LEU A 5 27.89 -18.69 20.62
CA LEU A 5 28.22 -17.39 20.05
C LEU A 5 27.01 -16.82 19.31
N ILE A 6 26.32 -15.87 19.93
CA ILE A 6 25.08 -15.29 19.38
C ILE A 6 25.36 -14.03 18.54
N LEU A 7 25.02 -14.10 17.25
CA LEU A 7 25.22 -12.99 16.33
C LEU A 7 24.03 -12.05 16.44
N ALA A 8 24.26 -10.88 17.02
CA ALA A 8 23.22 -9.86 17.16
C ALA A 8 23.73 -8.48 16.86
N GLY A 9 24.66 -8.37 15.91
CA GLY A 9 25.24 -7.08 15.55
C GLY A 9 24.74 -6.45 14.27
N GLY A 10 23.79 -7.08 13.60
CA GLY A 10 23.24 -6.56 12.34
C GLY A 10 22.16 -5.50 12.52
N SER A 11 21.70 -4.94 11.40
CA SER A 11 20.78 -3.78 11.40
C SER A 11 19.31 -4.13 11.22
N GLY A 12 19.03 -5.29 10.64
CA GLY A 12 17.66 -5.67 10.37
C GLY A 12 17.02 -4.76 9.33
N GLU A 13 17.81 -4.35 8.34
CA GLU A 13 17.38 -3.36 7.34
C GLU A 13 16.09 -3.79 6.58
N ARG A 14 15.96 -5.09 6.29
CA ARG A 14 14.76 -5.62 5.59
C ARG A 14 13.46 -5.62 6.44
N PHE A 15 13.52 -5.13 7.69
CA PHE A 15 12.29 -4.96 8.51
C PHE A 15 11.83 -3.52 8.70
N TRP A 16 12.22 -2.64 7.80
CA TRP A 16 11.73 -1.28 7.85
C TRP A 16 10.24 -1.35 7.52
N PRO A 17 9.42 -0.52 8.18
CA PRO A 17 9.71 0.52 9.18
C PRO A 17 9.66 0.07 10.63
N LEU A 18 9.39 -1.20 10.89
CA LEU A 18 9.41 -1.67 12.28
C LEU A 18 10.83 -1.66 12.84
N SER A 19 11.80 -2.03 12.00
CA SER A 19 13.21 -2.06 12.37
C SER A 19 13.93 -0.81 11.90
N THR A 20 14.55 -0.11 12.83
CA THR A 20 15.35 1.09 12.55
C THR A 20 16.78 0.88 13.09
N PRO A 21 17.76 1.66 12.58
CA PRO A 21 19.11 1.65 13.15
C PRO A 21 19.17 1.93 14.67
N GLU A 22 18.23 2.73 15.19
CA GLU A 22 18.07 2.92 16.65
C GLU A 22 17.49 1.64 17.32
N THR A 23 16.57 0.95 16.66
CA THR A 23 15.92 -0.25 17.22
C THR A 23 15.80 -1.34 16.16
N PRO A 24 16.86 -2.15 16.00
CA PRO A 24 16.90 -3.14 14.92
C PRO A 24 16.07 -4.35 15.26
N LYS A 25 15.97 -5.31 14.33
CA LYS A 25 15.04 -6.42 14.48
C LYS A 25 15.31 -7.31 15.71
N GLN A 26 16.57 -7.42 16.09
CA GLN A 26 16.95 -8.25 17.25
C GLN A 26 16.28 -7.81 18.57
N PHE A 27 15.81 -6.56 18.66
CA PHE A 27 15.12 -6.07 19.85
C PHE A 27 13.61 -5.98 19.69
N LEU A 28 13.09 -6.44 18.57
CA LEU A 28 11.65 -6.38 18.30
C LEU A 28 10.98 -7.67 18.77
N LYS A 29 9.68 -7.60 19.04
CA LYS A 29 8.93 -8.72 19.53
C LYS A 29 8.05 -9.29 18.41
N LEU A 30 8.69 -9.89 17.41
CA LEU A 30 7.97 -10.36 16.22
C LEU A 30 7.01 -11.51 16.50
N PHE A 31 7.37 -12.38 17.42
N PHE A 31 7.37 -12.36 17.46
CA PHE A 31 6.49 -13.44 17.88
CA PHE A 31 6.49 -13.42 17.93
C PHE A 31 6.63 -13.59 19.39
C PHE A 31 6.63 -13.52 19.42
N GLY A 32 5.51 -13.79 20.09
CA GLY A 32 5.50 -13.85 21.57
C GLY A 32 5.78 -12.49 22.15
N ASN A 33 5.80 -12.37 23.47
CA ASN A 33 6.09 -11.08 24.11
C ASN A 33 7.56 -10.95 24.49
N LYS A 34 8.43 -11.61 23.72
CA LYS A 34 9.88 -11.43 23.88
C LYS A 34 10.53 -11.14 22.53
N SER A 35 11.64 -10.42 22.58
CA SER A 35 12.41 -10.05 21.40
C SER A 35 13.08 -11.28 20.79
N LEU A 36 13.55 -11.14 19.55
CA LEU A 36 14.28 -12.22 18.92
C LEU A 36 15.46 -12.64 19.80
N MET A 37 16.21 -11.67 20.31
CA MET A 37 17.43 -11.93 21.06
C MET A 37 17.11 -12.63 22.35
N ARG A 38 16.05 -12.20 23.02
CA ARG A 38 15.70 -12.79 24.28
C ARG A 38 15.35 -14.26 24.05
N TRP A 39 14.50 -14.55 23.06
CA TRP A 39 14.11 -15.96 22.76
C TRP A 39 15.37 -16.80 22.54
N THR A 40 16.27 -16.29 21.69
CA THR A 40 17.54 -16.95 21.40
C THR A 40 18.33 -17.26 22.66
N PHE A 41 18.35 -16.31 23.61
CA PHE A 41 19.11 -16.46 24.85
C PHE A 41 18.44 -17.48 25.76
N GLU A 42 17.12 -17.39 25.87
CA GLU A 42 16.38 -18.30 26.76
C GLU A 42 16.48 -19.75 26.27
N ARG A 43 16.58 -19.92 24.95
CA ARG A 43 16.79 -21.24 24.33
C ARG A 43 18.10 -21.84 24.79
N VAL A 44 19.14 -21.03 24.74
CA VAL A 44 20.49 -21.43 25.11
C VAL A 44 20.59 -21.76 26.60
N LEU A 45 20.05 -20.87 27.44
CA LEU A 45 20.16 -21.02 28.89
C LEU A 45 19.52 -22.29 29.46
N GLU A 46 18.68 -22.98 28.70
CA GLU A 46 18.08 -24.24 29.20
C GLU A 46 19.13 -25.28 29.64
N GLU A 47 20.17 -25.45 28.86
CA GLU A 47 21.24 -26.41 29.15
C GLU A 47 22.57 -25.73 29.51
N MET A 48 22.70 -24.42 29.30
CA MET A 48 23.99 -23.73 29.46
C MET A 48 24.01 -22.63 30.51
N ASP A 49 25.15 -22.51 31.17
CA ASP A 49 25.43 -21.41 32.10
C ASP A 49 25.78 -20.14 31.30
N PRO A 50 25.18 -18.99 31.65
CA PRO A 50 25.44 -17.69 31.02
C PRO A 50 26.92 -17.34 30.77
N LYS A 51 27.83 -17.80 31.63
CA LYS A 51 29.26 -17.50 31.48
C LYS A 51 29.86 -18.12 30.23
N ASP A 52 29.19 -19.14 29.68
CA ASP A 52 29.69 -19.86 28.52
C ASP A 52 29.09 -19.30 27.23
N VAL A 53 28.29 -18.24 27.35
CA VAL A 53 27.62 -17.69 26.17
C VAL A 53 28.16 -16.31 25.85
N ILE A 54 28.44 -16.09 24.57
CA ILE A 54 28.96 -14.84 24.06
C ILE A 54 28.00 -14.26 23.01
N VAL A 55 27.70 -12.98 23.15
CA VAL A 55 26.91 -12.25 22.17
C VAL A 55 27.81 -11.23 21.46
N VAL A 56 27.89 -11.30 20.13
CA VAL A 56 28.66 -10.30 19.38
C VAL A 56 27.70 -9.23 18.83
N THR A 57 27.97 -7.97 19.11
CA THR A 57 27.11 -6.88 18.67
C THR A 57 27.91 -5.73 18.09
N HIS A 58 27.19 -4.80 17.46
CA HIS A 58 27.68 -3.44 17.22
C HIS A 58 27.76 -2.70 18.55
N LYS A 59 28.64 -1.69 18.64
CA LYS A 59 28.87 -0.96 19.91
C LYS A 59 27.65 -0.21 20.42
N ASP A 60 26.84 0.30 19.50
CA ASP A 60 25.66 1.08 19.85
C ASP A 60 24.62 0.26 20.57
N TYR A 61 24.58 -1.04 20.29
CA TYR A 61 23.58 -1.93 20.88
C TYR A 61 24.04 -2.56 22.22
N VAL A 62 25.16 -2.10 22.78
CA VAL A 62 25.73 -2.74 23.96
C VAL A 62 24.82 -2.51 25.16
N GLU A 63 24.52 -1.26 25.46
CA GLU A 63 23.63 -0.95 26.59
C GLU A 63 22.27 -1.63 26.45
N ARG A 64 21.71 -1.63 25.25
CA ARG A 64 20.42 -2.28 25.01
C ARG A 64 20.47 -3.79 25.25
N THR A 65 21.56 -4.44 24.84
CA THR A 65 21.73 -5.89 25.04
C THR A 65 21.72 -6.23 26.54
N LYS A 66 22.42 -5.43 27.33
CA LYS A 66 22.47 -5.62 28.76
C LYS A 66 21.07 -5.61 29.35
N LYS A 67 20.26 -4.64 28.94
CA LYS A 67 18.89 -4.53 29.47
C LYS A 67 18.12 -5.81 29.17
N GLU A 68 18.20 -6.28 27.92
CA GLU A 68 17.52 -7.51 27.49
C GLU A 68 18.06 -8.73 28.18
N LEU A 69 19.35 -8.75 28.46
CA LEU A 69 20.04 -9.94 28.95
C LEU A 69 20.82 -9.70 30.25
N PRO A 70 20.12 -9.41 31.36
CA PRO A 70 20.73 -9.12 32.66
C PRO A 70 21.53 -10.26 33.30
N GLU A 71 21.33 -11.47 32.79
CA GLU A 71 21.97 -12.66 33.32
C GLU A 71 23.36 -12.82 32.73
N LEU A 72 23.54 -12.28 31.53
CA LEU A 72 24.81 -12.32 30.78
C LEU A 72 25.78 -11.33 31.42
N PRO A 73 26.96 -11.80 31.81
CA PRO A 73 27.99 -10.88 32.28
C PRO A 73 28.31 -9.82 31.24
N ASP A 74 28.54 -8.59 31.69
CA ASP A 74 28.93 -7.49 30.82
C ASP A 74 30.08 -7.88 29.90
N GLU A 75 31.05 -8.62 30.43
CA GLU A 75 32.25 -9.02 29.68
C GLU A 75 31.96 -9.98 28.52
N ASN A 76 30.89 -10.75 28.60
CA ASN A 76 30.50 -11.66 27.51
C ASN A 76 29.76 -10.97 26.34
N ILE A 77 29.59 -9.64 26.40
CA ILE A 77 29.15 -8.86 25.25
C ILE A 77 30.38 -8.28 24.56
N ILE A 78 30.71 -8.80 23.38
CA ILE A 78 31.80 -8.27 22.57
C ILE A 78 31.24 -7.16 21.69
N ALA A 79 31.79 -5.95 21.81
CA ALA A 79 31.30 -4.79 21.03
C ALA A 79 32.08 -4.56 19.73
N GLU A 80 31.35 -4.44 18.61
CA GLU A 80 31.96 -4.13 17.30
C GLU A 80 31.93 -2.63 16.95
N PRO A 81 32.97 -2.16 16.23
CA PRO A 81 33.05 -0.78 15.72
C PRO A 81 32.12 -0.46 14.54
N MET A 82 31.88 -1.46 13.68
CA MET A 82 31.05 -1.27 12.49
C MET A 82 30.75 -2.65 11.91
N LYS A 83 29.62 -2.78 11.21
CA LYS A 83 29.19 -4.07 10.63
C LYS A 83 30.16 -4.60 9.57
N LYS A 84 30.59 -5.84 9.75
CA LYS A 84 31.36 -6.52 8.70
C LYS A 84 30.67 -7.83 8.29
N ASN A 85 29.37 -7.91 8.58
CA ASN A 85 28.59 -9.13 8.44
C ASN A 85 29.09 -10.21 9.39
N THR A 86 28.57 -11.44 9.26
CA THR A 86 28.79 -12.48 10.27
C THR A 86 30.21 -13.07 10.33
N ALA A 87 30.83 -13.28 9.17
CA ALA A 87 32.14 -13.95 9.11
C ALA A 87 33.19 -13.35 10.04
N PRO A 88 33.31 -12.01 10.06
CA PRO A 88 34.19 -11.39 11.04
C PRO A 88 33.72 -11.58 12.49
N ALA A 89 32.46 -11.26 12.78
CA ALA A 89 31.95 -11.43 14.16
C ALA A 89 32.08 -12.88 14.64
N CYS A 90 31.96 -13.85 13.71
CA CYS A 90 32.25 -15.27 13.98
C CYS A 90 33.71 -15.53 14.38
N PHE A 91 34.62 -14.75 13.83
CA PHE A 91 36.05 -14.92 14.12
C PHE A 91 36.42 -14.37 15.48
N ILE A 92 36.05 -13.12 15.75
CA ILE A 92 36.40 -12.49 17.03
C ILE A 92 35.64 -13.16 18.18
N GLY A 93 34.51 -13.75 17.86
CA GLY A 93 33.75 -14.53 18.84
C GLY A 93 34.45 -15.83 19.18
N THR A 94 34.84 -16.57 18.14
CA THR A 94 35.47 -17.89 18.26
C THR A 94 36.87 -17.79 18.90
N LYS A 95 37.63 -16.77 18.54
CA LYS A 95 38.92 -16.58 19.17
C LYS A 95 38.83 -16.70 20.70
N LEU A 96 37.79 -16.11 21.30
CA LEU A 96 37.64 -16.13 22.77
C LEU A 96 37.56 -17.54 23.38
N ALA A 97 37.15 -18.53 22.60
CA ALA A 97 37.13 -19.92 23.07
C ALA A 97 38.57 -20.47 23.19
N ASP A 98 38.71 -21.65 23.79
CA ASP A 98 39.97 -22.39 23.70
C ASP A 98 40.01 -23.08 22.34
N ASP A 99 41.18 -23.61 22.00
CA ASP A 99 41.38 -24.26 20.70
C ASP A 99 40.51 -25.50 20.51
N ASP A 100 40.41 -26.34 21.54
CA ASP A 100 39.58 -27.54 21.45
C ASP A 100 38.17 -27.34 22.01
N GLU A 101 37.73 -26.08 22.04
CA GLU A 101 36.41 -25.74 22.56
C GLU A 101 35.40 -25.71 21.40
N PRO A 102 34.39 -26.60 21.42
CA PRO A 102 33.36 -26.55 20.39
C PRO A 102 32.50 -25.33 20.59
N VAL A 103 32.48 -24.45 19.59
CA VAL A 103 31.65 -23.26 19.64
C VAL A 103 30.42 -23.47 18.78
N LEU A 104 29.25 -23.13 19.33
CA LEU A 104 27.97 -23.22 18.60
C LEU A 104 27.47 -21.82 18.19
N VAL A 105 27.38 -21.57 16.90
CA VAL A 105 27.16 -20.21 16.41
C VAL A 105 25.69 -20.08 16.07
N LEU A 106 25.05 -19.07 16.67
CA LEU A 106 23.61 -18.91 16.59
C LEU A 106 23.20 -17.51 16.16
N PRO A 107 22.50 -17.39 15.01
CA PRO A 107 21.77 -16.19 14.74
C PRO A 107 20.74 -15.86 15.82
N ALA A 108 20.54 -14.56 16.04
CA ALA A 108 19.64 -14.07 17.07
C ALA A 108 18.24 -13.90 16.55
N ASP A 109 17.96 -14.39 15.34
CA ASP A 109 16.68 -14.10 14.67
C ASP A 109 15.96 -15.34 14.07
N HIS A 110 16.14 -16.50 14.68
CA HIS A 110 15.38 -17.71 14.29
C HIS A 110 14.22 -17.94 15.25
N ARG A 111 13.18 -18.59 14.75
CA ARG A 111 12.07 -19.05 15.57
C ARG A 111 12.18 -20.56 15.58
N ILE A 112 12.33 -21.12 16.78
CA ILE A 112 12.50 -22.55 16.97
C ILE A 112 11.72 -22.91 18.24
N PRO A 113 10.40 -23.15 18.12
CA PRO A 113 9.56 -23.42 19.27
C PRO A 113 9.95 -24.65 20.11
N ASP A 114 10.45 -25.70 19.46
CA ASP A 114 10.78 -26.93 20.17
C ASP A 114 12.24 -26.94 20.63
N THR A 115 12.49 -26.39 21.81
CA THR A 115 13.85 -26.28 22.34
C THR A 115 14.43 -27.67 22.70
N LYS A 116 13.64 -28.50 23.37
CA LYS A 116 14.01 -29.89 23.64
C LYS A 116 14.57 -30.56 22.41
N LYS A 117 13.85 -30.52 21.31
CA LYS A 117 14.28 -31.16 20.06
C LYS A 117 15.49 -30.46 19.45
N PHE A 118 15.61 -29.15 19.66
CA PHE A 118 16.76 -28.38 19.17
C PHE A 118 18.00 -28.93 19.85
N TRP A 119 17.97 -28.97 21.18
CA TRP A 119 19.09 -29.45 21.99
C TRP A 119 19.50 -30.91 21.72
N LYS A 120 18.50 -31.78 21.64
CA LYS A 120 18.68 -33.13 21.12
C LYS A 120 19.56 -33.09 19.87
N THR A 121 19.25 -32.19 18.94
CA THR A 121 19.99 -32.12 17.68
C THR A 121 21.40 -31.58 17.86
N VAL A 122 21.60 -30.63 18.76
CA VAL A 122 22.95 -30.09 19.01
C VAL A 122 23.85 -31.13 19.71
N LYS A 123 23.29 -31.97 20.60
CA LYS A 123 24.05 -33.08 21.18
C LYS A 123 24.52 -34.07 20.10
N LYS A 124 23.61 -34.45 19.20
CA LYS A 124 23.95 -35.30 18.07
C LYS A 124 25.05 -34.66 17.21
N ALA A 125 25.01 -33.32 17.11
CA ALA A 125 26.07 -32.60 16.41
C ALA A 125 27.37 -32.70 17.19
N LEU A 126 27.28 -32.54 18.51
CA LEU A 126 28.47 -32.53 19.37
C LEU A 126 29.26 -33.83 19.28
N ASP A 127 28.55 -34.95 19.26
CA ASP A 127 29.19 -36.24 19.10
C ASP A 127 29.79 -36.38 17.72
N ALA A 128 29.09 -35.88 16.71
CA ALA A 128 29.62 -35.90 15.34
C ALA A 128 30.90 -35.08 15.28
N LEU A 129 30.96 -34.01 16.06
CA LEU A 129 32.12 -33.13 16.08
C LEU A 129 33.39 -33.85 16.55
N GLU A 130 33.23 -34.76 17.51
CA GLU A 130 34.35 -35.53 18.07
C GLU A 130 34.83 -36.63 17.14
N LYS A 131 33.91 -37.30 16.47
CA LYS A 131 34.23 -38.43 15.60
C LYS A 131 34.89 -37.97 14.29
N TYR A 132 34.32 -36.93 13.68
CA TYR A 132 34.72 -36.54 12.33
C TYR A 132 35.47 -35.23 12.21
N ASP A 133 35.40 -34.37 13.23
CA ASP A 133 36.00 -33.03 13.16
C ASP A 133 35.36 -32.21 12.01
N GLY A 134 36.05 -31.20 11.51
CA GLY A 134 35.52 -30.34 10.44
C GLY A 134 34.47 -29.37 10.95
N LEU A 135 33.99 -28.50 10.05
CA LEU A 135 32.94 -27.53 10.39
C LEU A 135 31.56 -28.16 10.21
N PHE A 136 30.65 -27.95 11.17
CA PHE A 136 29.29 -28.45 11.03
C PHE A 136 28.35 -27.34 10.71
N THR A 137 27.21 -27.71 10.13
CA THR A 137 26.11 -26.79 9.90
C THR A 137 24.85 -27.54 10.26
N PHE A 138 23.72 -26.85 10.24
CA PHE A 138 22.47 -27.48 10.56
C PHE A 138 21.54 -27.26 9.37
N GLY A 139 21.19 -28.35 8.69
CA GLY A 139 20.37 -28.28 7.49
C GLY A 139 18.93 -28.64 7.78
N ILE A 140 18.01 -27.71 7.50
CA ILE A 140 16.59 -27.92 7.83
C ILE A 140 15.91 -28.63 6.67
N VAL A 141 15.10 -29.65 6.96
CA VAL A 141 14.36 -30.34 5.92
C VAL A 141 13.37 -29.34 5.29
N PRO A 142 13.49 -29.10 3.96
CA PRO A 142 12.61 -28.12 3.34
C PRO A 142 11.16 -28.61 3.21
N THR A 143 10.27 -27.85 3.84
CA THR A 143 8.83 -28.13 3.85
C THR A 143 8.15 -27.65 2.57
N ARG A 144 8.72 -26.63 1.96
CA ARG A 144 8.25 -26.06 0.69
C ARG A 144 9.48 -25.60 -0.12
N PRO A 145 9.29 -25.24 -1.39
CA PRO A 145 10.46 -24.88 -2.20
C PRO A 145 10.82 -23.40 -2.10
N GLU A 146 11.41 -23.00 -0.97
CA GLU A 146 11.71 -21.59 -0.71
C GLU A 146 12.74 -20.98 -1.65
N THR A 147 12.38 -19.79 -2.13
CA THR A 147 13.22 -18.94 -2.97
C THR A 147 14.29 -18.20 -2.17
N GLY A 148 14.01 -17.93 -0.90
CA GLY A 148 14.89 -17.13 -0.05
C GLY A 148 16.09 -17.78 0.64
N TYR A 149 16.19 -19.12 0.60
CA TYR A 149 17.26 -19.81 1.33
C TYR A 149 18.39 -20.30 0.45
N GLY A 150 19.53 -20.54 1.09
CA GLY A 150 20.58 -21.33 0.50
C GLY A 150 20.33 -22.77 0.88
N TYR A 151 20.82 -23.69 0.05
CA TYR A 151 20.64 -25.12 0.26
C TYR A 151 21.99 -25.80 0.45
N ILE A 152 21.96 -26.95 1.09
CA ILE A 152 23.15 -27.75 1.38
C ILE A 152 23.02 -29.04 0.60
N GLU A 153 23.75 -29.16 -0.50
CA GLU A 153 23.77 -30.41 -1.24
C GLU A 153 24.49 -31.42 -0.36
N ILE A 154 23.79 -32.48 0.04
CA ILE A 154 24.37 -33.59 0.77
C ILE A 154 25.46 -34.26 -0.07
N GLY A 155 26.63 -34.47 0.53
CA GLY A 155 27.70 -35.30 -0.10
C GLY A 155 27.71 -36.70 0.50
N GLU A 156 28.90 -37.28 0.67
CA GLU A 156 29.05 -38.61 1.27
C GLU A 156 28.41 -38.64 2.65
N GLU A 157 27.62 -39.66 2.95
CA GLU A 157 27.13 -39.85 4.29
C GLU A 157 28.25 -40.43 5.15
N LEU A 158 28.45 -39.82 6.32
CA LEU A 158 29.44 -40.28 7.31
C LEU A 158 28.79 -41.24 8.30
N GLU A 159 27.50 -41.01 8.53
CA GLU A 159 26.73 -41.68 9.57
C GLU A 159 25.30 -41.15 9.41
N GLU A 160 24.28 -41.99 9.63
CA GLU A 160 22.87 -41.59 9.42
C GLU A 160 22.58 -40.14 9.79
N GLY A 161 22.04 -39.39 8.82
CA GLY A 161 21.73 -37.96 9.02
C GLY A 161 22.92 -37.01 8.92
N VAL A 162 24.14 -37.54 9.03
CA VAL A 162 25.34 -36.71 9.03
C VAL A 162 26.16 -36.98 7.76
N HIS A 163 26.50 -35.92 7.03
CA HIS A 163 27.08 -36.06 5.70
C HIS A 163 28.17 -35.03 5.42
N LYS A 164 29.10 -35.38 4.55
CA LYS A 164 29.97 -34.39 3.93
C LYS A 164 29.10 -33.45 3.14
N VAL A 165 29.26 -32.14 3.30
CA VAL A 165 28.59 -31.19 2.43
C VAL A 165 29.22 -31.25 1.04
N ALA A 166 28.45 -31.76 0.06
CA ALA A 166 28.91 -31.87 -1.32
C ALA A 166 29.03 -30.50 -1.97
N GLN A 167 28.18 -29.57 -1.54
CA GLN A 167 28.18 -28.21 -2.07
C GLN A 167 27.21 -27.32 -1.33
N PHE A 168 27.50 -26.03 -1.34
CA PHE A 168 26.59 -24.98 -0.84
C PHE A 168 26.02 -24.21 -2.00
N ARG A 169 24.70 -24.07 -2.04
CA ARG A 169 24.03 -23.42 -3.16
C ARG A 169 23.29 -22.18 -2.69
N GLU A 170 22.71 -21.45 -3.64
CA GLU A 170 22.02 -20.19 -3.31
C GLU A 170 20.72 -19.95 -4.04
N LYS A 171 19.97 -18.98 -3.52
CA LYS A 171 18.65 -18.57 -4.01
C LYS A 171 18.22 -19.24 -5.33
N PRO A 172 17.42 -20.30 -5.22
CA PRO A 172 16.95 -21.02 -6.40
C PRO A 172 15.76 -20.30 -7.05
N ASP A 173 15.61 -20.50 -8.36
CA ASP A 173 14.35 -20.20 -9.04
C ASP A 173 13.24 -21.09 -8.47
N LEU A 174 12.00 -20.66 -8.62
CA LEU A 174 10.86 -21.48 -8.18
C LEU A 174 11.02 -22.88 -8.77
N GLU A 175 11.41 -22.89 -10.06
CA GLU A 175 11.80 -24.10 -10.78
C GLU A 175 12.96 -24.86 -10.09
N THR A 176 14.10 -24.20 -9.91
CA THR A 176 15.30 -24.86 -9.35
C THR A 176 15.11 -25.30 -7.89
N ALA A 177 14.44 -24.48 -7.10
CA ALA A 177 14.08 -24.86 -5.73
C ALA A 177 13.20 -26.09 -5.81
N LYS A 178 12.30 -26.13 -6.80
CA LYS A 178 11.42 -27.29 -6.97
C LYS A 178 12.21 -28.56 -7.26
N LYS A 179 13.35 -28.44 -7.95
CA LYS A 179 14.23 -29.58 -8.18
C LYS A 179 14.92 -30.06 -6.91
N PHE A 180 15.35 -29.12 -6.07
CA PHE A 180 16.07 -29.48 -4.84
C PHE A 180 15.17 -30.21 -3.87
N VAL A 181 13.94 -29.73 -3.71
CA VAL A 181 12.99 -30.34 -2.78
C VAL A 181 12.43 -31.68 -3.31
N GLU A 182 12.31 -31.83 -4.64
CA GLU A 182 11.77 -33.06 -5.22
C GLU A 182 12.76 -34.23 -5.12
N SER A 183 14.05 -33.92 -5.02
CA SER A 183 15.11 -34.92 -5.02
C SER A 183 15.34 -35.55 -3.67
N GLY A 184 15.03 -34.82 -2.61
CA GLY A 184 15.27 -35.30 -1.28
C GLY A 184 16.69 -35.23 -0.78
N ARG A 185 17.62 -34.68 -1.57
CA ARG A 185 19.03 -34.60 -1.18
C ARG A 185 19.56 -33.19 -0.92
N PHE A 186 18.69 -32.28 -0.50
CA PHE A 186 19.06 -30.88 -0.29
C PHE A 186 18.33 -30.31 0.93
N LEU A 187 19.07 -29.85 1.96
CA LEU A 187 18.50 -29.22 3.16
C LEU A 187 18.64 -27.70 3.13
N TRP A 188 17.68 -26.95 3.70
CA TRP A 188 17.86 -25.49 3.87
C TRP A 188 19.00 -25.18 4.82
N ASN A 189 19.72 -24.08 4.55
CA ASN A 189 20.87 -23.67 5.35
C ASN A 189 20.49 -22.74 6.48
N SER A 190 20.35 -23.31 7.68
CA SER A 190 19.83 -22.59 8.84
C SER A 190 20.63 -21.36 9.25
N GLY A 191 21.88 -21.27 8.81
CA GLY A 191 22.79 -20.27 9.34
C GLY A 191 23.37 -20.62 10.70
N MET A 192 23.09 -21.82 11.21
CA MET A 192 23.67 -22.26 12.46
C MET A 192 24.89 -23.12 12.24
N PHE A 193 25.86 -22.99 13.15
CA PHE A 193 27.14 -23.68 13.00
C PHE A 193 27.67 -24.22 14.33
N LEU A 194 28.45 -25.28 14.23
CA LEU A 194 29.16 -25.86 15.35
C LEU A 194 30.55 -26.24 14.86
N TRP A 195 31.57 -25.84 15.60
CA TRP A 195 32.95 -26.17 15.25
C TRP A 195 33.86 -26.04 16.47
N LYS A 196 35.01 -26.70 16.46
CA LYS A 196 36.04 -26.46 17.48
C LYS A 196 36.79 -25.19 17.13
N ALA A 197 37.17 -24.43 18.15
CA ALA A 197 37.67 -23.08 17.99
C ALA A 197 38.95 -22.98 17.14
N ARG A 198 39.89 -23.90 17.37
CA ARG A 198 41.15 -23.91 16.61
C ARG A 198 40.89 -24.18 15.15
N GLU A 199 40.09 -25.19 14.87
CA GLU A 199 39.85 -25.59 13.50
C GLU A 199 39.19 -24.50 12.67
N PHE A 200 38.14 -23.86 13.20
CA PHE A 200 37.50 -22.74 12.49
C PHE A 200 38.54 -21.70 12.09
N ILE A 201 39.23 -21.12 13.08
CA ILE A 201 40.24 -20.08 12.84
C ILE A 201 41.17 -20.51 11.69
N GLU A 202 41.66 -21.76 11.78
CA GLU A 202 42.49 -22.40 10.76
C GLU A 202 41.88 -22.31 9.35
N GLU A 203 40.56 -22.42 9.25
CA GLU A 203 39.86 -22.31 7.95
C GLU A 203 39.82 -20.87 7.46
N VAL A 204 39.55 -19.92 8.35
CA VAL A 204 39.53 -18.51 7.96
C VAL A 204 40.89 -18.12 7.40
N LYS A 205 41.95 -18.59 8.06
CA LYS A 205 43.33 -18.45 7.60
C LYS A 205 43.51 -18.97 6.18
N VAL A 206 42.73 -19.98 5.81
CA VAL A 206 42.82 -20.62 4.50
C VAL A 206 41.81 -20.05 3.48
N CYS A 207 40.62 -19.68 3.93
CA CYS A 207 39.62 -19.13 3.01
C CYS A 207 39.45 -17.64 3.09
N GLU A 208 39.95 -17.02 4.13
CA GLU A 208 39.78 -15.60 4.19
C GLU A 208 40.86 -14.92 4.94
N PRO A 209 42.05 -14.93 4.39
CA PRO A 209 43.20 -14.40 5.09
C PRO A 209 42.92 -12.96 5.40
N SER A 210 42.31 -12.30 4.43
CA SER A 210 41.91 -10.91 4.61
C SER A 210 41.50 -10.66 6.06
N ILE A 211 40.52 -11.45 6.51
CA ILE A 211 40.07 -11.45 7.91
C ILE A 211 41.17 -11.94 8.88
N TYR A 212 41.64 -13.17 8.63
CA TYR A 212 42.58 -13.85 9.53
C TYR A 212 43.67 -12.93 10.07
N GLU A 213 44.50 -12.43 9.17
CA GLU A 213 45.72 -11.73 9.56
C GLU A 213 45.42 -10.47 10.36
N ASN A 214 44.35 -9.77 9.97
CA ASN A 214 44.01 -8.51 10.63
C ASN A 214 43.38 -8.68 11.99
N LEU A 215 42.94 -9.90 12.31
CA LEU A 215 42.33 -10.14 13.62
C LEU A 215 42.99 -11.27 14.40
N LYS A 216 44.11 -11.81 13.92
CA LYS A 216 44.69 -12.99 14.56
C LYS A 216 45.23 -12.71 15.96
N ASP A 217 45.86 -11.55 16.16
CA ASP A 217 46.42 -11.19 17.47
C ASP A 217 45.63 -10.08 18.17
N VAL A 218 44.62 -9.54 17.50
CA VAL A 218 43.72 -8.53 18.08
C VAL A 218 43.02 -9.09 19.32
N ASP A 219 42.95 -8.30 20.38
CA ASP A 219 42.06 -8.62 21.52
C ASP A 219 40.67 -8.11 21.13
N PRO A 220 39.66 -9.02 21.06
CA PRO A 220 38.30 -8.59 20.68
C PRO A 220 37.74 -7.46 21.58
N ARG A 221 38.07 -7.50 22.86
CA ARG A 221 37.58 -6.52 23.83
C ARG A 221 38.28 -5.16 23.73
N ASN A 222 39.48 -5.13 23.17
CA ASN A 222 40.17 -3.86 22.89
C ASN A 222 39.48 -3.15 21.76
N PHE A 223 38.68 -2.14 22.10
CA PHE A 223 37.83 -1.48 21.13
C PHE A 223 38.63 -0.83 19.99
N GLU A 224 39.72 -0.16 20.32
CA GLU A 224 40.46 0.58 19.32
C GLU A 224 41.27 -0.30 18.39
N GLU A 225 41.97 -1.29 18.94
CA GLU A 225 42.65 -2.30 18.12
C GLU A 225 41.68 -2.93 17.13
N LEU A 226 40.56 -3.41 17.67
CA LEU A 226 39.49 -3.96 16.85
C LEU A 226 39.10 -2.93 15.80
N LYS A 227 38.88 -1.69 16.22
CA LYS A 227 38.46 -0.62 15.30
C LYS A 227 39.43 -0.52 14.13
N LYS A 228 40.72 -0.36 14.42
CA LYS A 228 41.77 -0.38 13.39
C LYS A 228 41.79 -1.70 12.61
N ALA A 229 41.50 -2.81 13.29
CA ALA A 229 41.48 -4.14 12.67
C ALA A 229 40.35 -4.27 11.64
N TYR A 230 39.17 -3.75 11.99
CA TYR A 230 37.99 -3.82 11.13
C TYR A 230 38.10 -2.86 9.93
N GLU A 231 38.81 -1.75 10.09
CA GLU A 231 39.10 -0.86 8.96
C GLU A 231 39.71 -1.66 7.79
N LYS A 232 40.43 -2.73 8.09
CA LYS A 232 41.16 -3.53 7.09
C LYS A 232 40.48 -4.86 6.71
N VAL A 233 39.26 -5.09 7.18
CA VAL A 233 38.62 -6.41 7.08
C VAL A 233 37.34 -6.38 6.24
N PRO A 234 37.15 -7.39 5.36
CA PRO A 234 36.09 -7.30 4.36
C PRO A 234 34.73 -7.50 4.98
N SER A 235 33.71 -6.82 4.46
CA SER A 235 32.34 -7.06 4.92
C SER A 235 31.79 -8.23 4.13
N ILE A 236 31.66 -9.38 4.78
CA ILE A 236 31.28 -10.60 4.08
C ILE A 236 30.75 -11.63 5.09
N SER A 237 29.67 -12.32 4.73
CA SER A 237 29.08 -13.32 5.64
C SER A 237 30.04 -14.51 5.82
N VAL A 238 29.85 -15.29 6.88
CA VAL A 238 30.62 -16.52 7.06
C VAL A 238 30.33 -17.51 5.93
N ASP A 239 29.12 -17.45 5.37
CA ASP A 239 28.71 -18.34 4.28
C ASP A 239 29.55 -18.13 3.02
N TYR A 240 29.59 -16.91 2.50
CA TYR A 240 30.41 -16.63 1.34
C TYR A 240 31.86 -16.76 1.74
N ALA A 241 32.24 -16.08 2.83
CA ALA A 241 33.63 -16.07 3.29
C ALA A 241 34.21 -17.47 3.46
N VAL A 242 33.69 -18.24 4.41
CA VAL A 242 34.31 -19.54 4.74
C VAL A 242 33.60 -20.77 4.15
N MET A 243 32.29 -20.92 4.40
CA MET A 243 31.58 -22.20 4.21
C MET A 243 31.58 -22.71 2.78
N GLU A 244 31.43 -21.79 1.83
CA GLU A 244 31.36 -22.16 0.42
C GLU A 244 32.71 -22.68 -0.07
N LYS A 245 33.79 -22.11 0.46
CA LYS A 245 35.13 -22.37 -0.04
C LYS A 245 35.74 -23.66 0.53
N SER A 246 35.56 -23.88 1.83
CA SER A 246 36.29 -24.94 2.54
C SER A 246 35.86 -26.38 2.16
N LYS A 247 36.74 -27.32 2.46
CA LYS A 247 36.57 -28.71 2.04
C LYS A 247 36.24 -29.69 3.18
N LYS A 248 35.87 -29.16 4.36
CA LYS A 248 35.47 -30.02 5.49
C LYS A 248 34.26 -29.45 6.23
N VAL A 249 33.27 -29.03 5.47
CA VAL A 249 31.97 -28.66 6.00
C VAL A 249 31.07 -29.91 5.99
N ARG A 250 30.50 -30.23 7.14
CA ARG A 250 29.61 -31.38 7.28
C ARG A 250 28.31 -30.79 7.70
N VAL A 251 27.23 -31.56 7.65
CA VAL A 251 25.93 -31.02 8.00
C VAL A 251 25.08 -32.03 8.74
N VAL A 252 24.35 -31.56 9.75
CA VAL A 252 23.43 -32.38 10.50
C VAL A 252 21.99 -31.95 10.20
N LYS A 253 21.11 -32.94 10.19
CA LYS A 253 19.71 -32.75 9.80
C LYS A 253 18.91 -32.18 10.95
N ALA A 254 18.27 -31.05 10.70
CA ALA A 254 17.31 -30.50 11.62
C ALA A 254 15.92 -30.85 11.11
N ASP A 255 15.22 -31.66 11.90
CA ASP A 255 13.86 -32.04 11.60
C ASP A 255 12.85 -31.09 12.29
N PHE A 256 13.34 -30.27 13.26
CA PHE A 256 12.46 -29.38 14.03
C PHE A 256 11.88 -28.30 13.16
N GLU A 257 10.88 -27.61 13.66
CA GLU A 257 10.34 -26.46 12.94
C GLU A 257 11.34 -25.33 13.15
N TRP A 258 11.71 -24.73 12.03
CA TRP A 258 12.66 -23.66 12.01
C TRP A 258 12.16 -22.62 11.07
N SER A 259 12.49 -21.37 11.33
CA SER A 259 12.09 -20.27 10.47
C SER A 259 13.17 -19.18 10.57
N ASP A 260 13.48 -18.51 9.47
CA ASP A 260 14.34 -17.34 9.57
C ASP A 260 13.48 -16.10 9.45
N LEU A 261 13.67 -15.16 10.36
CA LEU A 261 13.02 -13.87 10.27
C LEU A 261 13.93 -12.94 9.45
N GLY A 262 14.00 -13.26 8.16
CA GLY A 262 14.88 -12.59 7.22
C GLY A 262 14.26 -11.42 6.48
N ASN A 263 12.96 -11.49 6.20
CA ASN A 263 12.24 -10.32 5.63
C ASN A 263 10.76 -10.41 5.96
N TRP A 264 9.92 -9.54 5.41
CA TRP A 264 8.51 -9.45 5.89
C TRP A 264 7.66 -10.65 5.56
N SER A 265 8.03 -11.37 4.51
CA SER A 265 7.31 -12.58 4.13
C SER A 265 7.39 -13.64 5.25
N SER A 266 8.53 -13.66 5.94
CA SER A 266 8.77 -14.58 7.02
C SER A 266 7.73 -14.43 8.12
N VAL A 267 7.46 -13.19 8.50
CA VAL A 267 6.33 -12.89 9.35
C VAL A 267 4.96 -13.39 8.79
N ARG A 268 4.67 -13.13 7.51
CA ARG A 268 3.43 -13.64 6.91
C ARG A 268 3.38 -15.18 6.99
N GLU A 269 4.48 -15.83 6.67
CA GLU A 269 4.57 -17.29 6.75
C GLU A 269 4.14 -17.85 8.13
N ILE A 270 4.43 -17.10 9.21
CA ILE A 270 4.04 -17.47 10.58
C ILE A 270 2.60 -17.09 10.92
N GLU A 271 2.31 -15.80 10.83
CA GLU A 271 0.99 -15.27 11.15
C GLU A 271 -0.09 -15.71 10.16
N GLY A 272 0.30 -16.08 8.93
CA GLY A 272 -0.65 -16.29 7.84
C GLY A 272 -1.04 -15.00 7.13
N TYR A 273 -1.71 -15.11 5.99
CA TYR A 273 -2.24 -13.95 5.29
C TYR A 273 -3.30 -13.32 6.16
N THR A 274 -3.37 -11.99 6.13
CA THR A 274 -4.26 -11.20 6.98
C THR A 274 -5.67 -11.23 6.41
N GLU A 275 -6.65 -11.31 7.31
CA GLU A 275 -8.08 -11.35 6.96
C GLU A 275 -8.77 -10.04 7.29
N GLU A 276 -9.90 -9.80 6.63
CA GLU A 276 -10.70 -8.60 6.88
C GLU A 276 -11.15 -8.48 8.33
N SER A 277 -11.10 -7.25 8.83
CA SER A 277 -11.55 -6.94 10.18
C SER A 277 -12.03 -5.50 10.14
N ASP A 278 -12.22 -4.89 11.31
CA ASP A 278 -12.56 -3.47 11.36
C ASP A 278 -11.48 -2.55 10.84
N GLU A 279 -10.22 -2.99 10.82
CA GLU A 279 -9.10 -2.14 10.38
C GLU A 279 -8.43 -2.51 9.05
N VAL A 280 -8.58 -3.75 8.62
CA VAL A 280 -8.11 -4.19 7.31
C VAL A 280 -9.31 -4.37 6.41
N ILE A 281 -9.50 -3.45 5.47
CA ILE A 281 -10.56 -3.53 4.47
C ILE A 281 -9.93 -4.03 3.18
N LEU A 282 -10.39 -5.18 2.69
CA LEU A 282 -9.89 -5.73 1.44
C LEU A 282 -11.00 -5.65 0.38
N VAL A 283 -10.63 -5.26 -0.83
CA VAL A 283 -11.56 -5.16 -1.93
C VAL A 283 -10.85 -5.64 -3.19
N ASP A 284 -11.30 -6.78 -3.71
CA ASP A 284 -10.60 -7.48 -4.78
C ASP A 284 -9.09 -7.62 -4.48
N SER A 285 -8.74 -8.05 -3.27
CA SER A 285 -7.34 -8.23 -2.89
C SER A 285 -7.15 -9.58 -2.16
N ASP A 286 -6.28 -10.44 -2.69
CA ASP A 286 -6.09 -11.73 -2.08
C ASP A 286 -4.69 -11.85 -1.55
N ARG A 287 -4.49 -12.89 -0.73
CA ARG A 287 -3.18 -13.20 -0.14
C ARG A 287 -2.41 -11.93 0.21
N VAL A 288 -2.78 -11.30 1.31
CA VAL A 288 -2.25 -9.99 1.70
C VAL A 288 -1.76 -10.00 3.14
N PHE A 289 -0.74 -9.22 3.45
CA PHE A 289 -0.25 -9.08 4.83
C PHE A 289 -0.25 -7.61 5.24
N VAL A 290 -0.98 -7.30 6.31
CA VAL A 290 -1.21 -5.93 6.71
C VAL A 290 -0.94 -5.77 8.19
N LYS A 291 -0.03 -4.87 8.53
CA LYS A 291 0.20 -4.56 9.95
C LYS A 291 -0.30 -3.14 10.25
N THR A 292 -1.44 -3.03 10.93
CA THR A 292 -2.06 -1.73 11.15
C THR A 292 -1.43 -0.97 12.33
N HIS A 293 -1.60 0.35 12.35
CA HIS A 293 -1.24 1.13 13.55
C HIS A 293 -2.38 2.04 13.96
N ASN A 294 -3.42 1.40 14.48
CA ASN A 294 -4.55 2.09 15.09
C ASN A 294 -5.31 3.04 14.14
N LYS A 295 -5.20 2.76 12.84
CA LYS A 295 -6.05 3.39 11.82
C LYS A 295 -6.25 2.44 10.66
N PRO A 296 -7.45 2.43 10.07
CA PRO A 296 -7.82 1.47 9.04
C PRO A 296 -6.96 1.52 7.78
N ILE A 297 -6.73 0.35 7.20
CA ILE A 297 -6.01 0.20 5.97
C ILE A 297 -6.90 -0.53 5.00
N ALA A 298 -7.18 0.09 3.86
CA ALA A 298 -7.95 -0.54 2.79
C ALA A 298 -7.03 -0.89 1.62
N VAL A 299 -7.07 -2.13 1.15
CA VAL A 299 -6.29 -2.54 -0.02
C VAL A 299 -7.26 -2.90 -1.14
N VAL A 300 -7.12 -2.26 -2.29
CA VAL A 300 -8.06 -2.44 -3.39
C VAL A 300 -7.34 -2.86 -4.64
N GLY A 301 -7.67 -4.05 -5.16
CA GLY A 301 -7.16 -4.52 -6.45
C GLY A 301 -5.72 -4.98 -6.52
N LEU A 302 -5.16 -5.43 -5.40
CA LEU A 302 -3.76 -5.87 -5.30
C LEU A 302 -3.68 -7.19 -4.57
N SER A 303 -3.05 -8.19 -5.19
CA SER A 303 -2.79 -9.48 -4.54
C SER A 303 -1.31 -9.61 -4.20
N ASP A 304 -1.01 -10.45 -3.20
CA ASP A 304 0.37 -10.70 -2.76
C ASP A 304 1.18 -9.44 -2.38
N VAL A 305 0.63 -8.60 -1.51
CA VAL A 305 1.36 -7.41 -1.04
C VAL A 305 1.46 -7.35 0.50
N ILE A 306 2.53 -6.73 0.97
CA ILE A 306 2.75 -6.52 2.38
C ILE A 306 2.49 -5.06 2.58
N VAL A 307 1.73 -4.72 3.62
CA VAL A 307 1.58 -3.33 4.03
C VAL A 307 1.87 -3.23 5.53
N ILE A 308 2.83 -2.42 5.92
CA ILE A 308 3.22 -2.24 7.33
C ILE A 308 3.10 -0.77 7.66
N ASP A 309 2.31 -0.42 8.68
CA ASP A 309 2.15 0.98 9.08
C ASP A 309 2.73 1.16 10.46
N THR A 310 3.55 2.21 10.62
CA THR A 310 4.17 2.55 11.91
C THR A 310 4.36 4.07 12.02
N PRO A 311 4.75 4.56 13.22
CA PRO A 311 5.13 5.98 13.35
C PRO A 311 6.34 6.37 12.50
N ASN A 312 7.20 5.40 12.19
CA ASN A 312 8.44 5.63 11.43
C ASN A 312 8.21 5.76 9.92
N GLY A 313 7.12 5.21 9.41
CA GLY A 313 6.86 5.15 7.97
C GLY A 313 5.87 4.06 7.58
N ILE A 314 5.49 4.06 6.30
CA ILE A 314 4.60 3.07 5.71
C ILE A 314 5.34 2.32 4.61
N LEU A 315 5.30 1.00 4.66
CA LEU A 315 5.85 0.18 3.58
C LEU A 315 4.72 -0.43 2.80
N ILE A 316 4.81 -0.38 1.47
CA ILE A 316 3.91 -1.14 0.60
C ILE A 316 4.77 -1.98 -0.31
N CYS A 317 4.74 -3.29 -0.11
CA CYS A 317 5.71 -4.17 -0.78
C CYS A 317 5.04 -5.34 -1.48
N LYS A 318 5.31 -5.47 -2.78
CA LYS A 318 4.96 -6.70 -3.51
C LYS A 318 5.79 -7.79 -2.87
N GLU A 319 5.18 -8.96 -2.60
CA GLU A 319 5.85 -9.99 -1.77
C GLU A 319 7.19 -10.40 -2.36
N GLU A 320 7.19 -10.79 -3.63
CA GLU A 320 8.41 -11.28 -4.26
C GLU A 320 9.59 -10.29 -4.15
N TYR A 321 9.32 -9.01 -3.93
CA TYR A 321 10.39 -8.00 -3.78
C TYR A 321 10.87 -7.74 -2.32
N ALA A 322 10.33 -8.48 -1.33
CA ALA A 322 10.60 -8.22 0.11
C ALA A 322 12.07 -7.99 0.50
N GLN A 323 12.98 -8.70 -0.18
CA GLN A 323 14.42 -8.46 -0.04
C GLN A 323 14.86 -7.03 -0.32
N LYS A 324 14.17 -6.31 -1.22
CA LYS A 324 14.62 -4.97 -1.63
C LYS A 324 14.35 -3.86 -0.60
N VAL A 325 13.67 -4.20 0.50
CA VAL A 325 13.46 -3.25 1.58
C VAL A 325 14.79 -2.67 2.09
N ARG A 326 15.89 -3.42 1.95
CA ARG A 326 17.21 -2.84 2.27
C ARG A 326 17.36 -1.52 1.57
N GLU A 327 17.04 -1.50 0.27
CA GLU A 327 17.29 -0.32 -0.53
C GLU A 327 16.46 0.88 -0.08
N VAL A 328 15.34 0.62 0.57
CA VAL A 328 14.56 1.67 1.20
C VAL A 328 15.37 2.31 2.32
N VAL A 329 15.96 1.48 3.17
CA VAL A 329 16.74 1.96 4.31
C VAL A 329 17.93 2.76 3.83
N LYS A 330 18.56 2.28 2.76
CA LYS A 330 19.73 2.95 2.15
C LYS A 330 19.39 4.38 1.72
N LYS A 331 18.31 4.55 0.94
CA LYS A 331 17.86 5.87 0.50
C LYS A 331 17.48 6.75 1.70
N LEU A 332 16.51 6.26 2.48
CA LEU A 332 15.93 6.98 3.62
C LEU A 332 16.94 7.39 4.70
N PHE A 333 17.96 6.57 4.93
CA PHE A 333 18.95 6.77 5.99
C PHE A 333 20.36 6.88 5.40
N VAL B 1 -35.31 34.84 -17.23
CA VAL B 1 -33.94 35.04 -16.68
C VAL B 1 -33.10 33.76 -16.93
N MET B 2 -32.27 33.33 -15.99
CA MET B 2 -31.63 32.01 -16.04
C MET B 2 -31.26 31.62 -14.61
N LYS B 3 -31.35 30.33 -14.31
CA LYS B 3 -31.11 29.84 -12.95
C LYS B 3 -30.07 28.70 -12.96
N ALA B 4 -29.09 28.77 -12.07
CA ALA B 4 -28.06 27.72 -12.00
C ALA B 4 -28.33 26.80 -10.83
N LEU B 5 -28.44 25.51 -11.12
CA LEU B 5 -28.65 24.49 -10.09
C LEU B 5 -27.34 23.77 -9.78
N ILE B 6 -26.77 24.04 -8.60
CA ILE B 6 -25.52 23.36 -8.16
C ILE B 6 -25.82 22.10 -7.32
N LEU B 7 -25.46 20.93 -7.87
CA LEU B 7 -25.67 19.64 -7.22
C LEU B 7 -24.56 19.34 -6.22
N ALA B 8 -24.83 19.54 -4.93
CA ALA B 8 -23.83 19.28 -3.87
C ALA B 8 -24.35 18.30 -2.79
N GLY B 9 -25.13 17.31 -3.22
CA GLY B 9 -25.85 16.42 -2.28
C GLY B 9 -25.37 14.99 -2.18
N GLY B 10 -24.23 14.68 -2.81
CA GLY B 10 -23.62 13.34 -2.72
C GLY B 10 -22.59 13.17 -1.60
N SER B 11 -22.09 11.95 -1.45
CA SER B 11 -21.17 11.61 -0.36
C SER B 11 -19.68 11.82 -0.70
N GLY B 12 -19.32 11.58 -1.97
CA GLY B 12 -17.92 11.56 -2.34
C GLY B 12 -17.28 10.33 -1.72
N GLU B 13 -17.90 9.18 -1.92
CA GLU B 13 -17.36 7.96 -1.35
C GLU B 13 -16.03 7.56 -1.95
N ARG B 14 -15.86 7.72 -3.26
CA ARG B 14 -14.63 7.27 -3.92
C ARG B 14 -13.34 8.02 -3.51
N PHE B 15 -13.47 9.07 -2.70
CA PHE B 15 -12.31 9.84 -2.26
C PHE B 15 -11.87 9.55 -0.83
N TRP B 16 -12.42 8.52 -0.24
CA TRP B 16 -11.90 8.04 1.01
C TRP B 16 -10.40 7.80 0.81
N PRO B 17 -9.58 8.13 1.83
CA PRO B 17 -9.90 8.57 3.18
C PRO B 17 -9.82 10.07 3.40
N LEU B 18 -9.61 10.83 2.33
CA LEU B 18 -9.68 12.29 2.41
C LEU B 18 -11.14 12.74 2.56
N SER B 19 -12.02 12.23 1.71
CA SER B 19 -13.44 12.53 1.84
C SER B 19 -14.11 11.55 2.80
N THR B 20 -14.97 12.07 3.66
CA THR B 20 -15.75 11.26 4.60
C THR B 20 -17.23 11.68 4.56
N PRO B 21 -18.11 10.95 5.27
CA PRO B 21 -19.49 11.46 5.46
C PRO B 21 -19.56 12.76 6.26
N GLU B 22 -18.67 12.93 7.24
CA GLU B 22 -18.57 14.20 7.97
C GLU B 22 -17.98 15.31 7.10
N THR B 23 -17.04 14.97 6.22
CA THR B 23 -16.44 15.98 5.32
C THR B 23 -16.29 15.44 3.90
N PRO B 24 -17.35 15.57 3.08
CA PRO B 24 -17.34 15.10 1.69
C PRO B 24 -16.38 15.85 0.78
N LYS B 25 -16.25 15.39 -0.46
CA LYS B 25 -15.23 15.95 -1.33
C LYS B 25 -15.50 17.40 -1.65
N GLN B 26 -16.78 17.73 -1.83
CA GLN B 26 -17.20 19.12 -2.13
C GLN B 26 -16.55 20.22 -1.29
N PHE B 27 -16.16 19.95 -0.04
CA PHE B 27 -15.56 20.98 0.80
C PHE B 27 -14.03 20.93 0.92
N LEU B 28 -13.39 20.03 0.19
CA LEU B 28 -11.94 19.87 0.26
C LEU B 28 -11.27 20.85 -0.70
N LYS B 29 -10.08 21.33 -0.33
CA LYS B 29 -9.31 22.20 -1.22
C LYS B 29 -8.37 21.33 -2.04
N LEU B 30 -8.92 20.50 -2.91
CA LEU B 30 -8.11 19.61 -3.75
C LEU B 30 -7.18 20.44 -4.65
N PHE B 31 -7.69 21.58 -5.13
CA PHE B 31 -6.93 22.46 -6.00
C PHE B 31 -7.04 23.87 -5.50
N GLY B 32 -6.12 24.72 -5.95
CA GLY B 32 -6.03 26.08 -5.43
C GLY B 32 -6.12 26.08 -3.92
N ASN B 33 -6.49 27.22 -3.34
CA ASN B 33 -6.79 27.32 -1.92
C ASN B 33 -8.31 27.44 -1.70
N LYS B 34 -9.08 26.84 -2.59
CA LYS B 34 -10.54 26.95 -2.55
C LYS B 34 -11.18 25.59 -2.74
N SER B 35 -12.36 25.40 -2.16
CA SER B 35 -13.03 24.11 -2.23
C SER B 35 -13.62 23.90 -3.61
N LEU B 36 -13.89 22.63 -3.91
CA LEU B 36 -14.57 22.24 -5.12
C LEU B 36 -15.84 23.06 -5.31
N MET B 37 -16.65 23.14 -4.26
CA MET B 37 -17.92 23.85 -4.33
C MET B 37 -17.71 25.34 -4.58
N ARG B 38 -16.78 25.94 -3.84
CA ARG B 38 -16.46 27.35 -3.99
C ARG B 38 -16.09 27.70 -5.43
N TRP B 39 -15.23 26.89 -6.03
CA TRP B 39 -14.78 27.11 -7.43
C TRP B 39 -15.95 27.14 -8.41
N THR B 40 -16.92 26.25 -8.18
CA THR B 40 -18.15 26.16 -8.99
C THR B 40 -19.04 27.41 -8.88
N PHE B 41 -19.18 27.96 -7.68
CA PHE B 41 -20.01 29.13 -7.45
C PHE B 41 -19.35 30.38 -8.04
N GLU B 42 -18.03 30.49 -7.89
CA GLU B 42 -17.25 31.58 -8.46
C GLU B 42 -17.32 31.63 -10.00
N ARG B 43 -17.16 30.48 -10.62
CA ARG B 43 -17.31 30.34 -12.05
C ARG B 43 -18.71 30.77 -12.46
N VAL B 44 -19.70 30.41 -11.65
CA VAL B 44 -21.07 30.74 -11.97
C VAL B 44 -21.28 32.23 -11.78
N LEU B 45 -20.80 32.77 -10.67
CA LEU B 45 -21.01 34.19 -10.36
C LEU B 45 -20.44 35.11 -11.42
N GLU B 46 -19.39 34.71 -12.12
CA GLU B 46 -18.85 35.50 -13.24
C GLU B 46 -19.94 36.25 -14.05
N GLU B 47 -20.99 35.53 -14.44
CA GLU B 47 -22.01 36.05 -15.34
C GLU B 47 -23.39 36.13 -14.70
N MET B 48 -23.54 35.61 -13.47
CA MET B 48 -24.86 35.50 -12.85
C MET B 48 -24.87 36.10 -11.46
N ASP B 49 -26.06 36.51 -11.02
CA ASP B 49 -26.25 36.96 -9.65
C ASP B 49 -26.39 35.77 -8.74
N PRO B 50 -26.08 35.93 -7.44
CA PRO B 50 -26.28 34.85 -6.48
C PRO B 50 -27.76 34.49 -6.33
N LYS B 51 -28.61 35.50 -6.42
CA LYS B 51 -30.07 35.35 -6.43
C LYS B 51 -30.53 34.24 -7.40
N ASP B 52 -29.81 34.10 -8.50
CA ASP B 52 -30.17 33.13 -9.53
C ASP B 52 -29.54 31.74 -9.29
N VAL B 53 -28.80 31.56 -8.20
CA VAL B 53 -28.05 30.32 -7.98
C VAL B 53 -28.63 29.46 -6.86
N ILE B 54 -28.93 28.18 -7.18
CA ILE B 54 -29.60 27.25 -6.26
C ILE B 54 -28.77 25.99 -6.00
N VAL B 55 -28.70 25.55 -4.74
CA VAL B 55 -27.89 24.39 -4.36
C VAL B 55 -28.71 23.26 -3.69
N VAL B 56 -28.86 22.13 -4.40
CA VAL B 56 -29.57 20.95 -3.86
C VAL B 56 -28.59 20.08 -3.06
N THR B 57 -28.87 19.91 -1.77
CA THR B 57 -27.92 19.36 -0.81
C THR B 57 -28.59 18.33 0.12
N HIS B 58 -27.77 17.55 0.81
CA HIS B 58 -28.23 16.76 1.94
C HIS B 58 -28.33 17.67 3.17
N LYS B 59 -29.38 17.48 3.97
CA LYS B 59 -29.65 18.29 5.18
C LYS B 59 -28.43 18.53 6.10
N ASP B 60 -27.51 17.57 6.12
CA ASP B 60 -26.32 17.66 6.98
C ASP B 60 -25.37 18.79 6.55
N TYR B 61 -25.20 18.95 5.24
CA TYR B 61 -24.24 19.93 4.72
C TYR B 61 -24.82 21.34 4.51
N VAL B 62 -26.00 21.61 5.06
CA VAL B 62 -26.55 22.96 4.93
C VAL B 62 -25.58 23.97 5.57
N GLU B 63 -25.32 23.83 6.87
CA GLU B 63 -24.43 24.75 7.57
C GLU B 63 -23.07 24.89 6.91
N ARG B 64 -22.50 23.78 6.44
CA ARG B 64 -21.25 23.85 5.67
C ARG B 64 -21.45 24.75 4.44
N THR B 65 -22.54 24.53 3.71
CA THR B 65 -22.86 25.27 2.49
C THR B 65 -22.91 26.80 2.71
N LYS B 66 -23.58 27.23 3.77
CA LYS B 66 -23.68 28.65 4.12
C LYS B 66 -22.30 29.31 4.34
N LYS B 67 -21.33 28.51 4.78
CA LYS B 67 -19.99 28.99 5.07
C LYS B 67 -19.21 29.27 3.78
N GLU B 68 -19.16 28.28 2.91
CA GLU B 68 -18.38 28.38 1.67
C GLU B 68 -18.90 29.46 0.72
N LEU B 69 -20.23 29.58 0.66
CA LEU B 69 -20.88 30.44 -0.31
C LEU B 69 -21.67 31.52 0.40
N PRO B 70 -20.99 32.38 1.18
CA PRO B 70 -21.72 33.35 2.00
C PRO B 70 -22.68 34.24 1.19
N GLU B 71 -22.29 34.53 -0.06
CA GLU B 71 -23.08 35.42 -0.92
C GLU B 71 -24.39 34.77 -1.35
N LEU B 72 -24.46 33.45 -1.22
CA LEU B 72 -25.68 32.71 -1.50
C LEU B 72 -26.74 33.03 -0.45
N PRO B 73 -27.97 33.36 -0.88
CA PRO B 73 -29.07 33.54 0.08
C PRO B 73 -29.36 32.23 0.83
N ASP B 74 -29.85 32.36 2.06
CA ASP B 74 -30.19 31.19 2.87
C ASP B 74 -31.27 30.34 2.21
N GLU B 75 -32.26 31.01 1.60
CA GLU B 75 -33.36 30.34 0.89
C GLU B 75 -32.94 29.52 -0.34
N ASN B 76 -31.85 29.92 -1.00
CA ASN B 76 -31.37 29.21 -2.20
C ASN B 76 -30.58 27.92 -1.93
N ILE B 77 -30.53 27.51 -0.66
CA ILE B 77 -29.96 26.23 -0.27
C ILE B 77 -31.12 25.29 0.03
N ILE B 78 -31.18 24.17 -0.69
CA ILE B 78 -32.25 23.18 -0.51
C ILE B 78 -31.69 21.98 0.22
N ALA B 79 -32.38 21.55 1.28
CA ALA B 79 -31.93 20.44 2.13
C ALA B 79 -32.78 19.19 1.86
N GLU B 80 -32.12 18.14 1.37
CA GLU B 80 -32.77 16.84 1.13
C GLU B 80 -32.71 15.96 2.37
N PRO B 81 -33.76 15.11 2.55
CA PRO B 81 -33.86 14.12 3.62
C PRO B 81 -32.98 12.87 3.42
N MET B 82 -32.76 12.51 2.15
CA MET B 82 -31.98 11.35 1.74
C MET B 82 -31.35 11.64 0.39
N LYS B 83 -30.19 11.06 0.12
CA LYS B 83 -29.61 11.13 -1.22
C LYS B 83 -30.10 9.96 -2.07
N LYS B 84 -30.64 10.28 -3.25
CA LYS B 84 -31.13 9.28 -4.19
C LYS B 84 -30.56 9.56 -5.58
N ASN B 85 -29.30 10.01 -5.59
CA ASN B 85 -28.53 10.35 -6.81
C ASN B 85 -29.11 11.53 -7.59
N THR B 86 -28.49 11.83 -8.73
CA THR B 86 -28.72 13.07 -9.47
C THR B 86 -30.12 13.23 -10.10
N ALA B 87 -30.85 12.12 -10.31
CA ALA B 87 -32.19 12.19 -10.92
C ALA B 87 -33.21 13.01 -10.10
N PRO B 88 -33.55 12.55 -8.89
CA PRO B 88 -34.44 13.35 -8.04
C PRO B 88 -33.87 14.73 -7.72
N ALA B 89 -32.57 14.79 -7.44
CA ALA B 89 -31.86 16.05 -7.21
C ALA B 89 -32.21 17.15 -8.22
N CYS B 90 -32.33 16.75 -9.49
CA CYS B 90 -32.72 17.66 -10.57
C CYS B 90 -34.20 18.08 -10.49
N PHE B 91 -35.06 17.17 -10.04
CA PHE B 91 -36.49 17.43 -10.03
C PHE B 91 -36.89 18.53 -9.03
N ILE B 92 -36.45 18.38 -7.78
CA ILE B 92 -36.73 19.39 -6.74
C ILE B 92 -36.16 20.76 -7.10
N GLY B 93 -34.98 20.77 -7.71
CA GLY B 93 -34.31 22.01 -8.10
C GLY B 93 -35.05 22.75 -9.21
N THR B 94 -35.52 21.99 -10.19
CA THR B 94 -36.14 22.57 -11.38
C THR B 94 -37.52 23.20 -11.10
N LYS B 95 -38.21 22.72 -10.06
CA LYS B 95 -39.52 23.26 -9.71
C LYS B 95 -39.45 24.73 -9.24
N LEU B 96 -38.32 25.12 -8.65
CA LEU B 96 -38.15 26.50 -8.13
C LEU B 96 -38.03 27.60 -9.19
N ALA B 97 -37.60 27.25 -10.40
CA ALA B 97 -37.49 28.24 -11.48
C ALA B 97 -38.86 28.50 -12.08
N ASP B 98 -38.93 29.42 -13.04
CA ASP B 98 -40.16 29.64 -13.79
C ASP B 98 -40.31 28.55 -14.85
N ASP B 99 -41.56 28.26 -15.22
CA ASP B 99 -41.86 27.13 -16.12
C ASP B 99 -41.01 27.15 -17.40
N ASP B 100 -40.85 28.32 -17.99
CA ASP B 100 -40.10 28.48 -19.24
C ASP B 100 -38.65 28.97 -19.04
N GLU B 101 -38.19 28.97 -17.79
CA GLU B 101 -36.87 29.50 -17.44
C GLU B 101 -35.80 28.40 -17.64
N PRO B 102 -34.69 28.75 -18.31
CA PRO B 102 -33.62 27.77 -18.53
C PRO B 102 -32.80 27.50 -17.26
N VAL B 103 -32.68 26.24 -16.89
CA VAL B 103 -31.94 25.84 -15.68
C VAL B 103 -30.67 25.06 -16.03
N LEU B 104 -29.54 25.57 -15.58
CA LEU B 104 -28.24 24.99 -15.86
C LEU B 104 -27.84 24.12 -14.70
N VAL B 105 -27.76 22.81 -14.94
CA VAL B 105 -27.52 21.83 -13.87
C VAL B 105 -26.04 21.57 -13.79
N LEU B 106 -25.43 21.91 -12.66
CA LEU B 106 -23.99 21.79 -12.50
C LEU B 106 -23.58 20.95 -11.27
N PRO B 107 -22.85 19.85 -11.50
CA PRO B 107 -22.07 19.21 -10.45
C PRO B 107 -21.02 20.14 -9.83
N ALA B 108 -20.76 19.99 -8.54
CA ALA B 108 -19.76 20.81 -7.86
C ALA B 108 -18.35 20.22 -7.87
N ASP B 109 -18.17 19.06 -8.51
CA ASP B 109 -16.89 18.36 -8.49
C ASP B 109 -16.17 18.43 -9.84
N HIS B 110 -16.47 19.46 -10.64
CA HIS B 110 -15.84 19.67 -11.94
C HIS B 110 -14.73 20.69 -11.78
N ARG B 111 -13.64 20.50 -12.52
CA ARG B 111 -12.57 21.49 -12.58
C ARG B 111 -12.44 22.00 -14.01
N ILE B 112 -12.84 23.24 -14.24
CA ILE B 112 -12.81 23.84 -15.58
C ILE B 112 -11.95 25.09 -15.55
N PRO B 113 -10.67 24.98 -15.91
CA PRO B 113 -9.80 26.15 -15.81
C PRO B 113 -10.28 27.41 -16.56
N ASP B 114 -10.73 27.24 -17.81
CA ASP B 114 -11.07 28.40 -18.67
C ASP B 114 -12.57 28.72 -18.56
N THR B 115 -12.89 29.63 -17.65
CA THR B 115 -14.26 29.97 -17.32
C THR B 115 -14.95 30.70 -18.45
N LYS B 116 -14.20 31.37 -19.32
CA LYS B 116 -14.81 32.10 -20.41
C LYS B 116 -15.12 31.16 -21.58
N LYS B 117 -14.22 30.22 -21.85
CA LYS B 117 -14.53 29.12 -22.76
C LYS B 117 -15.82 28.45 -22.30
N PHE B 118 -15.94 28.29 -20.98
CA PHE B 118 -17.10 27.68 -20.35
C PHE B 118 -18.37 28.45 -20.69
N TRP B 119 -18.33 29.75 -20.48
CA TRP B 119 -19.53 30.55 -20.67
C TRP B 119 -19.93 30.68 -22.11
N LYS B 120 -18.97 30.70 -23.04
CA LYS B 120 -19.30 30.64 -24.45
C LYS B 120 -20.07 29.35 -24.74
N THR B 121 -19.60 28.26 -24.17
CA THR B 121 -20.27 26.99 -24.32
C THR B 121 -21.68 26.97 -23.73
N VAL B 122 -21.89 27.63 -22.59
CA VAL B 122 -23.22 27.76 -22.01
C VAL B 122 -24.13 28.73 -22.77
N LYS B 123 -23.55 29.73 -23.42
CA LYS B 123 -24.34 30.62 -24.27
C LYS B 123 -24.86 29.85 -25.48
N LYS B 124 -23.98 29.16 -26.18
CA LYS B 124 -24.38 28.37 -27.34
C LYS B 124 -25.45 27.35 -26.94
N ALA B 125 -25.23 26.68 -25.82
CA ALA B 125 -26.22 25.76 -25.26
C ALA B 125 -27.56 26.45 -25.01
N LEU B 126 -27.52 27.72 -24.57
CA LEU B 126 -28.75 28.50 -24.32
C LEU B 126 -29.57 28.72 -25.61
N ASP B 127 -28.89 29.05 -26.70
CA ASP B 127 -29.55 29.32 -27.97
C ASP B 127 -30.05 28.05 -28.64
N ALA B 128 -29.31 26.96 -28.51
CA ALA B 128 -29.74 25.65 -29.00
C ALA B 128 -31.05 25.26 -28.34
N LEU B 129 -31.12 25.42 -27.02
CA LEU B 129 -32.35 25.12 -26.29
C LEU B 129 -33.54 25.89 -26.85
N GLU B 130 -33.39 27.22 -27.01
CA GLU B 130 -34.45 28.03 -27.60
C GLU B 130 -34.86 27.52 -28.97
N LYS B 131 -33.87 27.13 -29.77
CA LYS B 131 -34.07 26.77 -31.16
C LYS B 131 -34.71 25.40 -31.35
N TYR B 132 -34.32 24.41 -30.53
CA TYR B 132 -34.81 23.03 -30.72
C TYR B 132 -35.51 22.42 -29.50
N ASP B 133 -35.50 23.11 -28.36
CA ASP B 133 -35.91 22.52 -27.10
C ASP B 133 -35.16 21.20 -26.87
N GLY B 134 -35.79 20.23 -26.19
CA GLY B 134 -35.09 19.01 -25.80
C GLY B 134 -34.26 19.23 -24.55
N LEU B 135 -33.53 18.18 -24.15
CA LEU B 135 -32.66 18.22 -22.96
C LEU B 135 -31.19 18.12 -23.36
N PHE B 136 -30.41 19.13 -22.98
CA PHE B 136 -29.02 19.26 -23.42
C PHE B 136 -28.02 18.74 -22.41
N THR B 137 -26.98 18.11 -22.92
CA THR B 137 -25.86 17.63 -22.15
C THR B 137 -24.66 18.31 -22.76
N PHE B 138 -23.59 18.41 -22.00
CA PHE B 138 -22.38 19.05 -22.48
C PHE B 138 -21.34 17.97 -22.67
N GLY B 139 -21.02 17.67 -23.92
CA GLY B 139 -20.10 16.59 -24.23
C GLY B 139 -18.69 17.12 -24.37
N ILE B 140 -17.76 16.60 -23.56
CA ILE B 140 -16.39 17.08 -23.63
C ILE B 140 -15.70 16.31 -24.75
N VAL B 141 -14.81 16.99 -25.46
CA VAL B 141 -14.00 16.33 -26.46
C VAL B 141 -12.95 15.53 -25.71
N PRO B 142 -12.85 14.22 -26.02
CA PRO B 142 -11.82 13.44 -25.33
C PRO B 142 -10.42 13.85 -25.77
N THR B 143 -9.53 13.99 -24.80
CA THR B 143 -8.10 14.13 -25.04
C THR B 143 -7.35 12.83 -24.71
N ARG B 144 -8.04 11.86 -24.09
CA ARG B 144 -7.48 10.52 -23.86
C ARG B 144 -8.63 9.50 -23.72
N PRO B 145 -8.32 8.19 -23.68
CA PRO B 145 -9.38 7.18 -23.53
C PRO B 145 -9.62 6.76 -22.07
N GLU B 146 -9.96 7.70 -21.20
CA GLU B 146 -10.09 7.36 -19.79
C GLU B 146 -11.29 6.48 -19.57
N THR B 147 -11.06 5.32 -18.96
CA THR B 147 -12.15 4.54 -18.39
C THR B 147 -12.79 5.40 -17.31
N GLY B 148 -13.90 4.94 -16.75
CA GLY B 148 -14.62 5.73 -15.75
C GLY B 148 -15.06 7.08 -16.28
N TYR B 149 -15.47 7.11 -17.56
CA TYR B 149 -16.25 8.21 -18.12
C TYR B 149 -17.43 7.60 -18.89
N GLY B 150 -18.61 8.20 -18.70
CA GLY B 150 -19.73 7.94 -19.59
C GLY B 150 -19.42 8.60 -20.92
N TYR B 151 -20.05 8.11 -21.98
CA TYR B 151 -19.85 8.67 -23.30
C TYR B 151 -21.17 9.04 -23.97
N ILE B 152 -21.07 9.91 -24.98
CA ILE B 152 -22.20 10.34 -25.78
C ILE B 152 -21.88 10.11 -27.26
N GLU B 153 -22.65 9.27 -27.95
CA GLU B 153 -22.48 9.14 -29.39
C GLU B 153 -23.30 10.22 -30.08
N ILE B 154 -22.75 10.76 -31.16
CA ILE B 154 -23.40 11.86 -31.89
C ILE B 154 -24.41 11.33 -32.94
N GLY B 155 -25.64 11.84 -32.87
CA GLY B 155 -26.66 11.54 -33.88
C GLY B 155 -26.61 12.56 -35.00
N GLU B 156 -27.73 12.80 -35.66
CA GLU B 156 -27.75 13.76 -36.76
C GLU B 156 -27.44 15.16 -36.23
N GLU B 157 -26.57 15.87 -36.94
CA GLU B 157 -26.30 17.28 -36.65
C GLU B 157 -27.58 18.09 -36.77
N LEU B 158 -27.77 19.04 -35.86
CA LEU B 158 -28.83 20.02 -35.96
C LEU B 158 -28.24 21.30 -36.57
N GLU B 159 -27.18 21.79 -35.92
CA GLU B 159 -26.43 22.96 -36.34
C GLU B 159 -24.98 22.65 -35.95
N GLU B 160 -24.02 23.37 -36.52
CA GLU B 160 -22.61 23.17 -36.16
C GLU B 160 -22.47 22.99 -34.65
N GLY B 161 -21.85 21.88 -34.24
CA GLY B 161 -21.56 21.62 -32.82
C GLY B 161 -22.75 21.26 -31.92
N VAL B 162 -23.94 21.12 -32.51
CA VAL B 162 -25.11 20.64 -31.76
C VAL B 162 -25.73 19.48 -32.52
N HIS B 163 -25.83 18.33 -31.83
CA HIS B 163 -26.30 17.09 -32.44
C HIS B 163 -27.30 16.40 -31.53
N LYS B 164 -28.12 15.52 -32.09
CA LYS B 164 -28.96 14.63 -31.27
C LYS B 164 -28.07 13.54 -30.68
N VAL B 165 -28.44 13.02 -29.51
CA VAL B 165 -27.66 11.94 -28.85
C VAL B 165 -27.95 10.62 -29.55
N ALA B 166 -27.09 10.24 -30.49
CA ALA B 166 -27.28 9.00 -31.25
C ALA B 166 -27.31 7.79 -30.32
N GLN B 167 -26.44 7.81 -29.33
CA GLN B 167 -26.34 6.72 -28.38
C GLN B 167 -25.66 7.22 -27.11
N PHE B 168 -26.21 6.81 -25.97
CA PHE B 168 -25.72 7.24 -24.67
C PHE B 168 -25.12 6.04 -23.91
N ARG B 169 -23.79 5.94 -23.92
CA ARG B 169 -23.06 4.77 -23.38
C ARG B 169 -22.43 5.04 -22.00
N GLU B 170 -22.02 3.97 -21.32
CA GLU B 170 -21.43 4.08 -19.98
C GLU B 170 -20.34 3.03 -19.75
N LYS B 171 -19.52 3.24 -18.72
CA LYS B 171 -18.66 2.21 -18.15
C LYS B 171 -17.84 1.41 -19.19
N PRO B 172 -16.79 2.05 -19.70
CA PRO B 172 -15.93 1.42 -20.71
C PRO B 172 -14.84 0.55 -20.08
N ASP B 173 -14.70 -0.67 -20.58
CA ASP B 173 -13.51 -1.50 -20.38
C ASP B 173 -12.35 -0.79 -21.10
N LEU B 174 -11.11 -1.09 -20.73
CA LEU B 174 -9.96 -0.33 -21.27
C LEU B 174 -9.96 -0.23 -22.80
N GLU B 175 -10.26 -1.34 -23.47
CA GLU B 175 -10.35 -1.38 -24.95
C GLU B 175 -11.61 -0.68 -25.46
N THR B 176 -12.72 -0.87 -24.75
CA THR B 176 -13.98 -0.21 -25.11
C THR B 176 -13.87 1.32 -25.06
N ALA B 177 -12.95 1.83 -24.24
CA ALA B 177 -12.67 3.27 -24.20
C ALA B 177 -11.73 3.69 -25.35
N LYS B 178 -10.88 2.77 -25.81
CA LYS B 178 -10.07 3.01 -27.01
C LYS B 178 -10.94 3.00 -28.25
N LYS B 179 -11.87 2.05 -28.30
CA LYS B 179 -12.89 2.00 -29.35
C LYS B 179 -13.61 3.35 -29.46
N PHE B 180 -14.05 3.86 -28.31
CA PHE B 180 -14.81 5.11 -28.27
C PHE B 180 -14.06 6.28 -28.93
N VAL B 181 -12.82 6.52 -28.51
CA VAL B 181 -12.06 7.67 -28.97
C VAL B 181 -11.81 7.61 -30.47
N GLU B 182 -11.20 6.51 -30.91
CA GLU B 182 -10.92 6.23 -32.32
C GLU B 182 -11.95 6.85 -33.27
N SER B 183 -13.22 6.54 -33.03
CA SER B 183 -14.34 6.93 -33.92
C SER B 183 -14.28 8.37 -34.44
N GLY B 184 -14.00 9.30 -33.53
CA GLY B 184 -14.06 10.73 -33.83
C GLY B 184 -15.34 11.37 -33.34
N ARG B 185 -16.40 10.57 -33.15
CA ARG B 185 -17.71 11.07 -32.74
C ARG B 185 -18.27 10.35 -31.49
N PHE B 186 -17.46 10.28 -30.45
CA PHE B 186 -17.91 9.92 -29.10
C PHE B 186 -17.35 10.95 -28.11
N LEU B 187 -18.23 11.68 -27.42
CA LEU B 187 -17.80 12.68 -26.45
C LEU B 187 -17.96 12.14 -25.04
N TRP B 188 -17.22 12.71 -24.09
CA TRP B 188 -17.34 12.33 -22.68
C TRP B 188 -18.58 12.98 -22.08
N ASN B 189 -19.38 12.19 -21.37
CA ASN B 189 -20.54 12.73 -20.65
C ASN B 189 -20.11 13.57 -19.45
N SER B 190 -20.10 14.89 -19.65
CA SER B 190 -19.69 15.83 -18.60
C SER B 190 -20.42 15.67 -17.27
N GLY B 191 -21.73 15.49 -17.31
CA GLY B 191 -22.57 15.51 -16.11
C GLY B 191 -23.26 16.85 -15.91
N MET B 192 -23.01 17.78 -16.84
CA MET B 192 -23.68 19.06 -16.84
C MET B 192 -24.88 18.93 -17.74
N PHE B 193 -25.92 19.70 -17.45
CA PHE B 193 -27.13 19.70 -18.26
C PHE B 193 -27.76 21.09 -18.30
N LEU B 194 -28.53 21.33 -19.36
CA LEU B 194 -29.34 22.54 -19.52
C LEU B 194 -30.71 22.14 -20.04
N TRP B 195 -31.76 22.65 -19.40
CA TRP B 195 -33.12 22.39 -19.84
C TRP B 195 -34.03 23.49 -19.34
N LYS B 196 -35.23 23.57 -19.92
CA LYS B 196 -36.27 24.44 -19.40
C LYS B 196 -37.09 23.62 -18.43
N ALA B 197 -37.40 24.20 -17.27
CA ALA B 197 -38.02 23.47 -16.17
C ALA B 197 -39.18 22.58 -16.60
N ARG B 198 -40.12 23.17 -17.32
CA ARG B 198 -41.36 22.49 -17.68
C ARG B 198 -41.12 21.27 -18.56
N GLU B 199 -40.28 21.40 -19.59
CA GLU B 199 -40.02 20.28 -20.48
C GLU B 199 -39.37 19.12 -19.76
N PHE B 200 -38.45 19.43 -18.86
CA PHE B 200 -37.74 18.42 -18.07
C PHE B 200 -38.70 17.62 -17.18
N ILE B 201 -39.49 18.34 -16.39
CA ILE B 201 -40.46 17.72 -15.47
C ILE B 201 -41.46 16.88 -16.22
N GLU B 202 -41.75 17.26 -17.45
CA GLU B 202 -42.64 16.52 -18.34
C GLU B 202 -42.01 15.21 -18.78
N GLU B 203 -40.73 15.24 -19.16
CA GLU B 203 -40.01 14.03 -19.55
C GLU B 203 -39.82 13.04 -18.39
N VAL B 204 -39.69 13.56 -17.18
CA VAL B 204 -39.52 12.73 -15.98
C VAL B 204 -40.76 11.87 -15.73
N LYS B 205 -41.94 12.47 -15.86
CA LYS B 205 -43.18 11.72 -15.72
C LYS B 205 -43.24 10.60 -16.76
N VAL B 206 -42.79 10.90 -17.97
CA VAL B 206 -42.78 9.93 -19.06
C VAL B 206 -41.74 8.82 -18.81
N CYS B 207 -40.49 9.27 -18.64
CA CYS B 207 -39.38 8.40 -18.32
C CYS B 207 -39.40 7.78 -16.94
N GLU B 208 -39.70 8.56 -15.92
CA GLU B 208 -39.65 8.02 -14.57
C GLU B 208 -40.67 8.57 -13.66
N PRO B 209 -41.87 8.03 -13.77
CA PRO B 209 -42.94 8.47 -12.93
C PRO B 209 -42.53 8.17 -11.51
N SER B 210 -41.93 7.02 -11.23
CA SER B 210 -41.53 6.82 -9.83
C SER B 210 -41.06 8.13 -9.19
N ILE B 211 -40.29 8.91 -9.95
CA ILE B 211 -39.81 10.21 -9.52
C ILE B 211 -40.95 11.24 -9.52
N TYR B 212 -41.58 11.41 -10.68
CA TYR B 212 -42.57 12.47 -10.89
C TYR B 212 -43.72 12.45 -9.88
N GLU B 213 -44.55 11.42 -9.91
CA GLU B 213 -45.79 11.36 -9.12
C GLU B 213 -45.61 11.63 -7.62
N ASN B 214 -44.48 11.21 -7.06
CA ASN B 214 -44.20 11.44 -5.63
C ASN B 214 -43.57 12.79 -5.32
N LEU B 215 -43.23 13.55 -6.36
CA LEU B 215 -42.62 14.87 -6.20
C LEU B 215 -43.31 16.01 -6.97
N LYS B 216 -44.40 15.71 -7.67
CA LYS B 216 -45.08 16.71 -8.51
C LYS B 216 -45.76 17.79 -7.66
N ASP B 217 -46.40 17.38 -6.58
CA ASP B 217 -47.14 18.28 -5.69
C ASP B 217 -46.45 18.40 -4.33
N VAL B 218 -45.12 18.33 -4.34
CA VAL B 218 -44.32 18.45 -3.12
C VAL B 218 -43.52 19.74 -3.19
N ASP B 219 -43.67 20.59 -2.18
CA ASP B 219 -42.85 21.81 -2.11
C ASP B 219 -41.44 21.47 -1.64
N PRO B 220 -40.42 21.85 -2.43
CA PRO B 220 -39.01 21.54 -2.11
C PRO B 220 -38.51 22.00 -0.74
N ARG B 221 -38.95 23.16 -0.28
CA ARG B 221 -38.47 23.74 0.98
C ARG B 221 -39.22 23.25 2.23
N ASN B 222 -40.21 22.36 2.03
CA ASN B 222 -40.84 21.63 3.12
C ASN B 222 -40.07 20.36 3.41
N PHE B 223 -39.16 20.41 4.39
CA PHE B 223 -38.31 19.28 4.73
C PHE B 223 -39.10 18.02 5.08
N GLU B 224 -40.15 18.20 5.87
CA GLU B 224 -40.95 17.07 6.35
C GLU B 224 -41.79 16.42 5.26
N GLU B 225 -42.18 17.21 4.25
CA GLU B 225 -42.81 16.66 3.06
C GLU B 225 -41.78 15.92 2.20
N LEU B 226 -40.74 16.64 1.82
CA LEU B 226 -39.67 16.08 0.99
C LEU B 226 -39.24 14.74 1.58
N LYS B 227 -39.04 14.69 2.90
CA LYS B 227 -38.75 13.44 3.59
C LYS B 227 -39.76 12.38 3.23
N LYS B 228 -41.03 12.67 3.51
CA LYS B 228 -42.12 11.70 3.32
C LYS B 228 -42.22 11.18 1.88
N ALA B 229 -41.94 12.03 0.90
CA ALA B 229 -41.98 11.63 -0.50
C ALA B 229 -40.73 10.81 -0.90
N TYR B 230 -39.54 11.31 -0.54
CA TYR B 230 -38.26 10.63 -0.85
C TYR B 230 -38.19 9.18 -0.36
N GLU B 231 -39.06 8.84 0.59
CA GLU B 231 -39.22 7.44 1.04
C GLU B 231 -39.74 6.51 -0.06
N LYS B 232 -40.44 7.07 -1.05
CA LYS B 232 -40.94 6.28 -2.20
C LYS B 232 -40.20 6.55 -3.51
N VAL B 233 -39.26 7.51 -3.51
CA VAL B 233 -38.50 7.87 -4.71
C VAL B 233 -37.33 6.91 -4.92
N PRO B 234 -37.09 6.49 -6.18
CA PRO B 234 -35.98 5.59 -6.47
C PRO B 234 -34.64 6.30 -6.52
N SER B 235 -33.58 5.62 -6.09
CA SER B 235 -32.22 6.14 -6.21
C SER B 235 -31.66 5.71 -7.55
N ILE B 236 -31.76 6.63 -8.50
CA ILE B 236 -31.18 6.42 -9.83
C ILE B 236 -30.59 7.75 -10.27
N SER B 237 -29.63 7.71 -11.18
CA SER B 237 -28.98 8.93 -11.67
C SER B 237 -29.87 9.62 -12.69
N VAL B 238 -29.52 10.84 -13.06
CA VAL B 238 -30.23 11.56 -14.11
C VAL B 238 -30.14 10.79 -15.41
N ASP B 239 -28.97 10.21 -15.64
CA ASP B 239 -28.59 9.68 -16.95
C ASP B 239 -29.34 8.39 -17.25
N TYR B 240 -29.25 7.43 -16.33
CA TYR B 240 -29.97 6.16 -16.46
C TYR B 240 -31.47 6.36 -16.42
N ALA B 241 -31.91 7.27 -15.54
CA ALA B 241 -33.35 7.56 -15.37
C ALA B 241 -33.95 8.23 -16.60
N VAL B 242 -33.27 9.27 -17.09
CA VAL B 242 -33.84 10.14 -18.11
C VAL B 242 -33.00 10.19 -19.39
N MET B 243 -31.75 10.67 -19.28
CA MET B 243 -30.93 10.99 -20.47
C MET B 243 -30.67 9.81 -21.43
N GLU B 244 -30.86 8.57 -20.99
CA GLU B 244 -30.76 7.41 -21.90
C GLU B 244 -32.07 7.18 -22.64
N LYS B 245 -33.14 7.00 -21.86
CA LYS B 245 -34.45 6.63 -22.39
C LYS B 245 -35.08 7.72 -23.26
N SER B 246 -34.81 8.99 -22.95
CA SER B 246 -35.52 10.12 -23.59
C SER B 246 -35.16 10.33 -25.07
N LYS B 247 -36.20 10.58 -25.87
CA LYS B 247 -36.08 10.70 -27.31
C LYS B 247 -35.77 12.13 -27.78
N LYS B 248 -35.63 13.07 -26.84
CA LYS B 248 -35.14 14.41 -27.16
C LYS B 248 -33.97 14.76 -26.26
N VAL B 249 -32.90 13.98 -26.36
CA VAL B 249 -31.64 14.31 -25.69
C VAL B 249 -30.70 14.85 -26.76
N ARG B 250 -30.11 16.02 -26.50
CA ARG B 250 -29.15 16.63 -27.42
C ARG B 250 -27.80 16.72 -26.72
N VAL B 251 -26.75 16.96 -27.51
CA VAL B 251 -25.39 17.11 -27.00
C VAL B 251 -24.71 18.32 -27.66
N VAL B 252 -24.17 19.22 -26.83
CA VAL B 252 -23.36 20.33 -27.34
C VAL B 252 -21.90 20.05 -27.05
N LYS B 253 -21.04 20.48 -27.99
CA LYS B 253 -19.61 20.21 -27.93
C LYS B 253 -18.98 21.19 -26.95
N ALA B 254 -18.37 20.65 -25.91
CA ALA B 254 -17.61 21.45 -24.96
C ALA B 254 -16.15 21.29 -25.32
N ASP B 255 -15.61 22.25 -26.06
CA ASP B 255 -14.21 22.22 -26.46
C ASP B 255 -13.39 23.01 -25.45
N PHE B 256 -13.22 22.43 -24.27
CA PHE B 256 -12.33 23.00 -23.26
C PHE B 256 -11.78 21.92 -22.34
N GLU B 257 -10.72 22.28 -21.62
CA GLU B 257 -10.15 21.41 -20.62
C GLU B 257 -11.18 21.34 -19.51
N TRP B 258 -11.50 20.10 -19.15
CA TRP B 258 -12.52 19.80 -18.20
C TRP B 258 -12.11 18.49 -17.53
N SER B 259 -12.31 18.39 -16.24
CA SER B 259 -12.03 17.15 -15.54
C SER B 259 -13.07 16.93 -14.48
N ASP B 260 -13.37 15.66 -14.22
CA ASP B 260 -14.31 15.28 -13.18
C ASP B 260 -13.59 14.63 -11.99
N LEU B 261 -13.62 15.29 -10.85
CA LEU B 261 -13.08 14.68 -9.65
C LEU B 261 -13.92 13.45 -9.21
N GLY B 262 -13.91 12.43 -10.06
CA GLY B 262 -14.71 11.22 -9.83
C GLY B 262 -14.02 10.33 -8.82
N ASN B 263 -12.82 9.88 -9.17
CA ASN B 263 -12.04 8.98 -8.33
C ASN B 263 -10.59 9.45 -8.29
N TRP B 264 -9.76 8.78 -7.49
CA TRP B 264 -8.41 9.24 -7.22
C TRP B 264 -7.55 9.35 -8.47
N SER B 265 -7.89 8.58 -9.49
CA SER B 265 -7.18 8.65 -10.78
C SER B 265 -7.28 10.03 -11.44
N SER B 266 -8.37 10.72 -11.20
CA SER B 266 -8.54 12.03 -11.76
C SER B 266 -7.52 13.03 -11.18
N VAL B 267 -7.29 12.99 -9.89
CA VAL B 267 -6.32 13.89 -9.26
C VAL B 267 -4.92 13.61 -9.80
N ARG B 268 -4.56 12.33 -9.91
CA ARG B 268 -3.29 11.96 -10.52
C ARG B 268 -3.10 12.60 -11.91
N GLU B 269 -4.11 12.46 -12.78
CA GLU B 269 -4.03 13.02 -14.12
C GLU B 269 -3.86 14.54 -14.10
N ILE B 270 -4.25 15.21 -13.02
CA ILE B 270 -4.03 16.65 -12.95
C ILE B 270 -2.59 17.01 -12.59
N GLU B 271 -2.11 16.51 -11.46
CA GLU B 271 -0.74 16.86 -11.06
C GLU B 271 0.26 15.82 -11.40
N GLY B 272 -0.18 14.65 -11.84
CA GLY B 272 0.72 13.67 -12.42
C GLY B 272 1.31 12.72 -11.42
N TYR B 273 2.05 11.73 -11.92
CA TYR B 273 2.64 10.74 -11.06
C TYR B 273 3.58 11.42 -10.08
N THR B 274 3.60 10.93 -8.85
CA THR B 274 4.42 11.51 -7.79
C THR B 274 5.84 11.09 -8.04
N GLU B 275 6.76 12.03 -7.91
CA GLU B 275 8.19 11.74 -8.00
C GLU B 275 8.82 11.46 -6.64
N GLU B 276 9.86 10.65 -6.66
CA GLU B 276 10.63 10.27 -5.49
C GLU B 276 11.18 11.50 -4.77
N SER B 277 11.17 11.46 -3.44
CA SER B 277 11.69 12.53 -2.59
C SER B 277 11.99 11.96 -1.22
N ASP B 278 12.36 12.83 -0.28
CA ASP B 278 12.60 12.39 1.09
C ASP B 278 11.45 11.61 1.73
N GLU B 279 10.22 11.99 1.41
CA GLU B 279 9.05 11.35 2.01
C GLU B 279 8.38 10.24 1.16
N VAL B 280 8.74 10.12 -0.11
CA VAL B 280 8.18 9.11 -1.01
C VAL B 280 9.37 8.37 -1.61
N ILE B 281 9.62 7.16 -1.12
CA ILE B 281 10.78 6.38 -1.54
C ILE B 281 10.28 5.31 -2.47
N LEU B 282 10.92 5.19 -3.62
CA LEU B 282 10.48 4.26 -4.65
C LEU B 282 11.61 3.28 -5.03
N VAL B 283 11.24 2.01 -5.17
CA VAL B 283 12.17 0.95 -5.53
C VAL B 283 11.43 -0.01 -6.47
N ASP B 284 11.98 -0.25 -7.65
CA ASP B 284 11.26 -0.97 -8.70
C ASP B 284 9.75 -0.69 -8.61
N SER B 285 9.37 0.57 -8.83
CA SER B 285 7.96 0.93 -8.88
C SER B 285 7.75 2.22 -9.68
N ASP B 286 7.00 2.11 -10.77
CA ASP B 286 6.72 3.20 -11.69
C ASP B 286 5.27 3.69 -11.57
N ARG B 287 5.02 4.93 -11.98
CA ARG B 287 3.68 5.47 -12.12
C ARG B 287 2.90 5.27 -10.82
N VAL B 288 3.29 6.06 -9.84
CA VAL B 288 2.73 6.00 -8.52
C VAL B 288 2.22 7.39 -8.13
N PHE B 289 1.04 7.40 -7.50
CA PHE B 289 0.47 8.62 -6.98
C PHE B 289 0.37 8.43 -5.49
N VAL B 290 1.33 9.00 -4.76
CA VAL B 290 1.36 8.87 -3.33
C VAL B 290 0.94 10.20 -2.75
N LYS B 291 0.24 10.17 -1.62
CA LYS B 291 -0.02 11.40 -0.87
C LYS B 291 0.32 11.19 0.59
N THR B 292 1.33 11.91 1.06
CA THR B 292 1.91 11.69 2.40
C THR B 292 1.26 12.53 3.50
N HIS B 293 1.61 12.21 4.75
CA HIS B 293 1.07 12.92 5.93
C HIS B 293 2.05 12.91 7.14
N ASN B 294 3.13 13.68 6.98
CA ASN B 294 4.17 13.82 8.01
C ASN B 294 4.89 12.50 8.41
N LYS B 295 4.88 11.50 7.52
CA LYS B 295 5.80 10.36 7.61
C LYS B 295 5.97 9.70 6.23
N PRO B 296 7.15 9.10 5.99
CA PRO B 296 7.48 8.65 4.63
C PRO B 296 6.74 7.39 4.19
N ILE B 297 6.58 7.23 2.90
CA ILE B 297 5.94 6.06 2.33
C ILE B 297 6.90 5.49 1.32
N ALA B 298 7.24 4.21 1.47
CA ALA B 298 7.98 3.49 0.44
C ALA B 298 7.05 2.56 -0.32
N VAL B 299 7.09 2.62 -1.64
CA VAL B 299 6.47 1.59 -2.46
C VAL B 299 7.56 0.78 -3.11
N VAL B 300 7.48 -0.55 -2.97
CA VAL B 300 8.47 -1.46 -3.58
C VAL B 300 7.80 -2.55 -4.42
N GLY B 301 8.14 -2.60 -5.71
CA GLY B 301 7.69 -3.67 -6.61
C GLY B 301 6.26 -3.53 -7.12
N LEU B 302 5.73 -2.31 -7.08
CA LEU B 302 4.36 -2.09 -7.48
C LEU B 302 4.31 -0.89 -8.42
N SER B 303 3.53 -1.00 -9.49
CA SER B 303 3.38 0.10 -10.42
C SER B 303 1.91 0.35 -10.70
N ASP B 304 1.54 1.63 -10.82
CA ASP B 304 0.18 2.06 -11.15
C ASP B 304 -0.72 1.91 -9.94
N VAL B 305 -0.20 2.33 -8.79
CA VAL B 305 -0.96 2.32 -7.57
C VAL B 305 -1.09 3.72 -7.01
N ILE B 306 -2.20 3.93 -6.32
CA ILE B 306 -2.50 5.12 -5.57
C ILE B 306 -2.21 4.77 -4.12
N VAL B 307 -1.51 5.64 -3.38
CA VAL B 307 -1.31 5.46 -1.95
C VAL B 307 -1.68 6.76 -1.24
N ILE B 308 -2.64 6.74 -0.31
CA ILE B 308 -3.07 7.97 0.35
C ILE B 308 -3.12 7.78 1.86
N ASP B 309 -2.28 8.52 2.57
CA ASP B 309 -2.15 8.41 4.01
C ASP B 309 -2.93 9.55 4.65
N THR B 310 -3.78 9.22 5.61
CA THR B 310 -4.67 10.18 6.22
C THR B 310 -4.90 9.83 7.69
N PRO B 311 -5.31 10.80 8.52
CA PRO B 311 -5.75 10.40 9.85
C PRO B 311 -6.98 9.46 9.84
N ASN B 312 -7.85 9.61 8.84
CA ASN B 312 -8.96 8.67 8.59
C ASN B 312 -8.58 7.26 8.14
N GLY B 313 -7.34 7.07 7.68
CA GLY B 313 -6.89 5.77 7.23
C GLY B 313 -5.92 5.84 6.06
N ILE B 314 -5.49 4.67 5.60
CA ILE B 314 -4.64 4.57 4.44
C ILE B 314 -5.35 3.84 3.34
N LEU B 315 -5.30 4.40 2.14
CA LEU B 315 -5.78 3.70 0.96
C LEU B 315 -4.57 3.26 0.18
N ILE B 316 -4.58 2.00 -0.26
CA ILE B 316 -3.59 1.47 -1.21
C ILE B 316 -4.39 0.84 -2.34
N CYS B 317 -4.32 1.44 -3.53
CA CYS B 317 -5.26 1.11 -4.62
C CYS B 317 -4.61 1.05 -5.98
N LYS B 318 -4.80 -0.09 -6.64
CA LYS B 318 -4.39 -0.27 -8.03
C LYS B 318 -5.21 0.69 -8.87
N GLU B 319 -4.56 1.40 -9.79
CA GLU B 319 -5.23 2.53 -10.46
C GLU B 319 -6.49 2.05 -11.17
N GLU B 320 -6.36 1.03 -11.98
CA GLU B 320 -7.53 0.45 -12.66
C GLU B 320 -8.73 0.27 -11.73
N TYR B 321 -8.50 -0.02 -10.45
CA TYR B 321 -9.57 -0.35 -9.50
C TYR B 321 -10.19 0.84 -8.71
N ALA B 322 -9.68 2.05 -8.94
CA ALA B 322 -10.05 3.29 -8.22
C ALA B 322 -11.54 3.56 -8.07
N GLN B 323 -12.32 3.07 -9.01
CA GLN B 323 -13.75 3.21 -8.96
C GLN B 323 -14.35 2.41 -7.80
N LYS B 324 -13.69 1.32 -7.39
CA LYS B 324 -14.24 0.48 -6.32
C LYS B 324 -14.03 1.00 -4.90
N VAL B 325 -13.41 2.17 -4.75
CA VAL B 325 -13.22 2.74 -3.42
C VAL B 325 -14.55 2.90 -2.65
N ARG B 326 -15.68 2.98 -3.35
CA ARG B 326 -16.98 2.89 -2.68
C ARG B 326 -17.02 1.74 -1.69
N GLU B 327 -16.75 0.52 -2.16
CA GLU B 327 -16.82 -0.67 -1.30
C GLU B 327 -16.18 -0.43 0.07
N VAL B 328 -15.00 0.22 0.08
CA VAL B 328 -14.28 0.55 1.33
C VAL B 328 -15.20 1.34 2.23
N VAL B 329 -15.71 2.44 1.70
CA VAL B 329 -16.61 3.28 2.47
C VAL B 329 -17.78 2.47 2.97
N LYS B 330 -18.43 1.74 2.07
CA LYS B 330 -19.64 0.96 2.42
C LYS B 330 -19.39 0.02 3.59
N LYS B 331 -18.29 -0.73 3.51
CA LYS B 331 -17.87 -1.60 4.59
C LYS B 331 -17.54 -0.79 5.83
N LEU B 332 -16.59 0.12 5.69
CA LEU B 332 -16.12 0.91 6.83
C LEU B 332 -17.28 1.65 7.51
N PHE B 333 -18.13 2.30 6.71
CA PHE B 333 -19.31 3.03 7.22
C PHE B 333 -20.62 2.26 6.96
#